data_3ZJ8
#
_entry.id   3ZJ8
#
_cell.length_a   159.107
_cell.length_b   159.107
_cell.length_c   102.995
_cell.angle_alpha   90.00
_cell.angle_beta   90.00
_cell.angle_gamma   90.00
#
_symmetry.space_group_name_H-M   'P 4 21 2'
#
loop_
_entity.id
_entity.type
_entity.pdbx_description
1 polymer STRICTOSIDINE-O-BETA-D-GLUCOSIDASE
2 non-polymer (1R,2S,3S,4R,5R)-4-[(4-bromophenyl)methylamino]-5-(hydroxymethyl)cyclopentane-1,2,3-triol
3 water water
#
_entity_poly.entity_id   1
_entity_poly.type   'polypeptide(L)'
_entity_poly.pdbx_seq_one_letter_code
;MDNTQAEPLVVAIVPKPNASTEHTNSHLIPVTRSKIVVHRRDFPQDFIFGAGGSAYQCEGAYNEGNRGPSIWDTFTQRSP
AKISDGSNGNQAINCYHMYKEDIKIMKQTGLESYRFSISWSRVLPGGRLAAGVNKDGVKFYHDFIDELLANGIKPSVTLF
HWDLPQALEDEYGGFLSHRIVDDFCEYAEFCFWEFGDKIKYWTTFNEPHTFAVNGYALGEFAPGRGGKGDEGDPAIEPYV
VTHNILLAHKAAVEEYRNKFQKCQEGEIGIVLNSMWMEPLSDVQADIDAQKRALDFMLGWFLEPLTTGDYPKSMRELVKG
RLPKFSADDSEKLKGCYDFIGMNYYTATYVTNAVKSNSEKLSYETDDQVTKTFERNQKPIGHALYGGWQHVVPWGLYKLL
VYTKETYHVPVLYVTESGMVEENKTKILLSEARRDAERTDYHQKHLASVRDAIDDGVNVKGYFVWSFFDNFEWNLGYICR
YGIIHVDYKSFERYPKESAIWYKNFIAGKSTTSPAKRRREEAQVELVKRQKT
;
_entity_poly.pdbx_strand_id   A,B
#
loop_
_chem_comp.id
_chem_comp.type
_chem_comp.name
_chem_comp.formula
LR1 non-polymer (1R,2S,3S,4R,5R)-4-[(4-bromophenyl)methylamino]-5-(hydroxymethyl)cyclopentane-1,2,3-triol 'C13 H18 Br N O4'
#
# COMPACT_ATOMS: atom_id res chain seq x y z
N VAL A 37 41.87 4.05 -29.42
CA VAL A 37 42.69 2.98 -30.07
C VAL A 37 42.24 1.58 -29.55
N VAL A 38 40.93 1.44 -29.28
CA VAL A 38 40.37 0.22 -28.69
C VAL A 38 39.21 -0.35 -29.52
N HIS A 39 39.22 -1.66 -29.81
CA HIS A 39 38.21 -2.33 -30.68
C HIS A 39 37.64 -3.63 -30.08
N ARG A 40 36.74 -4.26 -30.84
CA ARG A 40 35.94 -5.40 -30.34
C ARG A 40 36.76 -6.62 -30.24
N ARG A 41 37.63 -6.83 -31.23
CA ARG A 41 38.55 -7.96 -31.25
C ARG A 41 39.55 -7.98 -30.10
N ASP A 42 39.80 -6.82 -29.47
CA ASP A 42 40.74 -6.69 -28.32
C ASP A 42 40.26 -7.41 -27.06
N PHE A 43 39.08 -8.02 -27.17
CA PHE A 43 38.36 -8.64 -26.07
C PHE A 43 38.11 -10.12 -26.44
N PRO A 44 37.88 -10.97 -25.42
CA PRO A 44 37.58 -12.36 -25.71
C PRO A 44 36.36 -12.55 -26.59
N GLN A 45 36.27 -13.72 -27.22
CA GLN A 45 35.06 -14.14 -27.88
C GLN A 45 33.94 -14.10 -26.84
N ASP A 46 34.14 -14.76 -25.69
CA ASP A 46 33.15 -14.83 -24.60
C ASP A 46 32.45 -13.50 -24.22
N PHE A 47 33.22 -12.42 -24.08
CA PHE A 47 32.71 -11.12 -23.59
C PHE A 47 31.31 -10.70 -24.09
N ILE A 48 30.52 -10.02 -23.24
CA ILE A 48 29.15 -9.60 -23.61
C ILE A 48 29.06 -8.07 -23.58
N PHE A 49 28.39 -7.45 -24.56
CA PHE A 49 28.23 -5.99 -24.50
C PHE A 49 26.78 -5.58 -24.38
N GLY A 50 26.46 -4.62 -23.52
CA GLY A 50 25.08 -4.22 -23.32
C GLY A 50 24.93 -2.92 -22.58
N ALA A 51 23.71 -2.62 -22.19
CA ALA A 51 23.43 -1.44 -21.42
C ALA A 51 22.33 -1.79 -20.44
N GLY A 52 21.94 -0.84 -19.61
CA GLY A 52 20.87 -1.10 -18.66
C GLY A 52 19.95 0.05 -18.35
N GLY A 53 18.88 -0.27 -17.63
CA GLY A 53 17.95 0.67 -17.03
C GLY A 53 17.63 0.00 -15.69
N SER A 54 16.57 0.47 -15.03
CA SER A 54 16.06 -0.15 -13.83
C SER A 54 14.61 0.27 -13.64
N ALA A 55 13.77 -0.66 -13.20
CA ALA A 55 12.32 -0.46 -13.03
C ALA A 55 11.77 0.93 -12.64
N TYR A 56 12.23 1.51 -11.55
CA TYR A 56 11.61 2.76 -11.07
C TYR A 56 11.98 3.91 -11.97
N GLN A 57 13.18 3.82 -12.51
CA GLN A 57 13.76 4.90 -13.24
C GLN A 57 13.25 4.99 -14.66
N CYS A 58 12.53 3.96 -15.11
CA CYS A 58 12.20 3.83 -16.53
C CYS A 58 10.75 3.51 -16.79
N GLU A 59 10.20 2.54 -16.05
CA GLU A 59 8.83 2.06 -16.35
C GLU A 59 7.71 3.13 -16.27
N GLY A 60 7.74 4.02 -15.28
CA GLY A 60 6.61 4.85 -15.02
C GLY A 60 5.41 3.93 -14.85
N ALA A 61 4.22 4.50 -15.07
CA ALA A 61 2.98 3.76 -14.96
C ALA A 61 2.87 3.24 -13.56
N TYR A 62 3.25 4.12 -12.63
CA TYR A 62 3.40 3.72 -11.22
C TYR A 62 2.06 3.17 -10.63
N ASN A 63 0.93 3.61 -11.19
CA ASN A 63 -0.41 3.38 -10.67
C ASN A 63 -1.33 2.75 -11.76
N GLU A 64 -0.70 2.08 -12.73
CA GLU A 64 -1.42 1.38 -13.77
C GLU A 64 -1.06 -0.09 -13.63
N GLY A 65 -1.91 -0.99 -14.14
CA GLY A 65 -1.55 -2.37 -14.18
C GLY A 65 -1.39 -2.91 -12.77
N ASN A 66 -2.09 -2.27 -11.84
CA ASN A 66 -2.19 -2.73 -10.43
C ASN A 66 -0.87 -2.81 -9.64
N ARG A 67 0.12 -2.01 -10.04
CA ARG A 67 1.40 -1.98 -9.34
C ARG A 67 1.19 -1.42 -7.98
N GLY A 68 1.88 -1.96 -6.98
CA GLY A 68 1.87 -1.38 -5.65
C GLY A 68 3.03 -0.44 -5.38
N PRO A 69 2.78 0.62 -4.60
CA PRO A 69 3.80 1.64 -4.31
C PRO A 69 5.13 1.08 -3.76
N SER A 70 6.24 1.70 -4.14
CA SER A 70 7.59 1.41 -3.60
C SER A 70 7.96 2.53 -2.66
N ILE A 71 9.02 2.34 -1.88
CA ILE A 71 9.41 3.39 -0.95
C ILE A 71 9.79 4.62 -1.74
N TRP A 72 10.18 4.42 -2.99
CA TRP A 72 10.59 5.52 -3.81
C TRP A 72 9.43 6.31 -4.36
N ASP A 73 8.28 5.66 -4.58
CA ASP A 73 7.08 6.43 -4.94
C ASP A 73 6.81 7.41 -3.82
N THR A 74 6.56 6.83 -2.65
CA THR A 74 6.40 7.45 -1.35
C THR A 74 7.40 8.55 -1.03
N PHE A 75 8.67 8.23 -1.02
CA PHE A 75 9.70 9.26 -0.86
C PHE A 75 9.45 10.50 -1.73
N THR A 76 9.20 10.31 -3.03
CA THR A 76 9.20 11.44 -3.97
C THR A 76 7.87 12.16 -3.94
N GLN A 77 6.86 11.44 -3.49
CA GLN A 77 5.51 11.99 -3.36
C GLN A 77 5.29 12.75 -2.06
N ARG A 78 5.77 12.19 -0.96
CA ARG A 78 5.59 12.81 0.34
C ARG A 78 6.68 13.83 0.66
N SER A 79 7.84 13.65 0.07
CA SER A 79 9.00 14.52 0.31
C SER A 79 9.56 15.07 -1.00
N PRO A 80 8.73 15.81 -1.74
CA PRO A 80 9.19 16.27 -3.02
C PRO A 80 10.41 17.21 -2.94
N ALA A 81 10.61 17.88 -1.79
CA ALA A 81 11.72 18.83 -1.63
C ALA A 81 13.09 18.12 -1.55
N LYS A 82 13.08 16.81 -1.45
CA LYS A 82 14.32 16.05 -1.30
C LYS A 82 14.86 15.63 -2.66
N ILE A 83 14.13 16.02 -3.69
CA ILE A 83 14.44 15.76 -5.10
C ILE A 83 14.84 17.09 -5.70
N SER A 84 16.03 17.13 -6.28
CA SER A 84 16.57 18.36 -6.82
C SER A 84 15.56 19.25 -7.52
N ASP A 85 14.66 18.65 -8.27
CA ASP A 85 13.65 19.44 -8.96
C ASP A 85 12.18 19.09 -8.65
N GLY A 86 11.94 18.25 -7.63
CA GLY A 86 10.61 17.93 -7.14
C GLY A 86 9.99 16.76 -7.86
N SER A 87 10.58 16.41 -9.00
CA SER A 87 10.11 15.34 -9.87
C SER A 87 10.08 13.93 -9.24
N ASN A 88 9.62 12.95 -10.02
CA ASN A 88 9.36 11.60 -9.54
C ASN A 88 9.32 10.54 -10.66
N GLY A 89 9.12 9.28 -10.30
CA GLY A 89 9.04 8.20 -11.27
C GLY A 89 7.65 7.84 -11.78
N ASN A 90 6.67 8.65 -11.42
CA ASN A 90 5.31 8.42 -11.87
C ASN A 90 5.24 8.01 -13.33
N GLN A 91 5.79 8.84 -14.22
CA GLN A 91 6.00 8.45 -15.63
C GLN A 91 7.45 8.10 -15.94
N ALA A 92 8.39 8.70 -15.24
CA ALA A 92 9.76 8.44 -15.56
C ALA A 92 9.89 8.67 -17.09
N ILE A 93 10.24 7.63 -17.83
CA ILE A 93 10.37 7.77 -19.28
C ILE A 93 9.41 6.81 -20.01
N ASN A 94 8.57 6.13 -19.21
CA ASN A 94 7.39 5.46 -19.69
C ASN A 94 7.70 4.18 -20.44
N CYS A 95 8.72 3.43 -20.06
CA CYS A 95 8.95 2.12 -20.72
C CYS A 95 7.78 1.10 -20.67
N TYR A 96 6.88 1.26 -19.71
CA TYR A 96 5.88 0.25 -19.50
C TYR A 96 4.94 0.22 -20.71
N HIS A 97 4.82 1.35 -21.36
CA HIS A 97 3.92 1.43 -22.48
C HIS A 97 4.68 1.45 -23.80
N MET A 98 5.99 1.45 -23.75
CA MET A 98 6.78 1.72 -24.93
C MET A 98 7.82 0.63 -25.16
N TYR A 99 7.59 -0.55 -24.58
CA TYR A 99 8.67 -1.52 -24.52
C TYR A 99 9.02 -1.96 -25.91
N LYS A 100 8.00 -2.28 -26.69
CA LYS A 100 8.22 -2.69 -28.06
C LYS A 100 9.10 -1.72 -28.83
N GLU A 101 8.91 -0.43 -28.63
CA GLU A 101 9.80 0.50 -29.29
C GLU A 101 11.23 0.46 -28.73
N ASP A 102 11.37 0.48 -27.40
CA ASP A 102 12.70 0.48 -26.76
C ASP A 102 13.56 -0.70 -27.25
N ILE A 103 12.93 -1.87 -27.31
CA ILE A 103 13.56 -3.08 -27.81
C ILE A 103 13.94 -2.94 -29.28
N LYS A 104 13.17 -2.22 -30.09
CA LYS A 104 13.64 -1.89 -31.44
C LYS A 104 14.99 -1.12 -31.32
N ILE A 105 14.98 -0.05 -30.55
CA ILE A 105 16.14 0.82 -30.40
C ILE A 105 17.37 0.11 -29.83
N MET A 106 17.16 -0.77 -28.83
CA MET A 106 18.24 -1.68 -28.37
C MET A 106 18.87 -2.37 -29.59
N LYS A 107 18.04 -2.96 -30.45
CA LYS A 107 18.54 -3.81 -31.50
C LYS A 107 19.14 -2.99 -32.59
N GLN A 108 18.65 -1.78 -32.79
CA GLN A 108 19.27 -0.89 -33.77
C GLN A 108 20.72 -0.56 -33.37
N THR A 109 20.97 -0.56 -32.06
CA THR A 109 22.28 -0.39 -31.49
C THR A 109 23.15 -1.66 -31.49
N GLY A 110 22.51 -2.82 -31.41
CA GLY A 110 23.25 -4.08 -31.48
C GLY A 110 23.45 -4.74 -30.15
N LEU A 111 22.85 -4.17 -29.11
CA LEU A 111 22.92 -4.69 -27.73
C LEU A 111 22.88 -6.21 -27.69
N GLU A 112 23.80 -6.79 -26.94
CA GLU A 112 23.91 -8.21 -26.91
C GLU A 112 23.06 -8.72 -25.77
N SER A 113 22.98 -7.89 -24.72
CA SER A 113 22.14 -8.16 -23.57
C SER A 113 21.67 -6.81 -23.07
N TYR A 114 20.54 -6.77 -22.37
CA TYR A 114 20.07 -5.55 -21.72
C TYR A 114 19.75 -5.89 -20.24
N ARG A 115 20.25 -5.08 -19.32
CA ARG A 115 19.95 -5.29 -17.94
C ARG A 115 18.76 -4.44 -17.47
N PHE A 116 17.79 -5.09 -16.83
CA PHE A 116 16.66 -4.38 -16.30
C PHE A 116 16.28 -4.96 -14.92
N SER A 117 15.33 -4.32 -14.26
CA SER A 117 14.99 -4.58 -12.86
C SER A 117 13.52 -4.91 -12.81
N ILE A 118 13.10 -5.89 -11.99
CA ILE A 118 11.68 -6.20 -11.81
C ILE A 118 11.17 -5.43 -10.59
N SER A 119 10.17 -4.54 -10.77
CA SER A 119 9.59 -3.79 -9.70
C SER A 119 8.92 -4.81 -8.79
N TRP A 120 9.57 -5.08 -7.65
CA TRP A 120 9.09 -6.10 -6.69
C TRP A 120 7.61 -5.94 -6.62
N SER A 121 7.20 -4.68 -6.57
CA SER A 121 5.89 -4.28 -6.11
C SER A 121 4.97 -4.18 -7.24
N ARG A 122 5.40 -4.56 -8.44
CA ARG A 122 4.48 -4.58 -9.57
C ARG A 122 4.03 -6.00 -9.78
N VAL A 123 4.84 -6.95 -9.33
CA VAL A 123 4.43 -8.33 -9.40
C VAL A 123 3.75 -8.76 -8.10
N LEU A 124 4.13 -8.13 -7.00
CA LEU A 124 3.50 -8.42 -5.75
C LEU A 124 3.12 -7.14 -5.00
N PRO A 125 1.95 -6.57 -5.31
CA PRO A 125 1.59 -5.23 -4.84
C PRO A 125 1.84 -5.01 -3.35
N GLY A 126 1.58 -6.01 -2.53
CA GLY A 126 1.68 -5.83 -1.09
C GLY A 126 2.89 -6.52 -0.49
N GLY A 127 3.82 -6.94 -1.36
CA GLY A 127 5.10 -7.49 -0.94
C GLY A 127 5.12 -8.93 -0.49
N ARG A 128 4.21 -9.34 0.39
CA ARG A 128 4.13 -10.76 0.79
C ARG A 128 3.24 -11.51 -0.19
N LEU A 129 3.18 -12.83 -0.07
CA LEU A 129 2.41 -13.63 -1.01
C LEU A 129 0.93 -13.52 -0.72
N ALA A 130 0.60 -13.27 0.54
CA ALA A 130 -0.78 -13.13 1.00
C ALA A 130 -1.59 -12.01 0.35
N ALA A 131 -0.90 -10.96 -0.09
CA ALA A 131 -1.48 -9.78 -0.75
C ALA A 131 -1.83 -10.07 -2.25
N GLY A 132 -1.21 -11.10 -2.82
CA GLY A 132 -1.66 -11.62 -4.09
C GLY A 132 -0.61 -11.43 -5.11
N VAL A 133 -0.78 -12.10 -6.24
CA VAL A 133 0.17 -11.99 -7.32
C VAL A 133 -0.58 -11.19 -8.33
N ASN A 134 -0.03 -10.04 -8.71
CA ASN A 134 -0.63 -9.19 -9.74
C ASN A 134 -0.44 -9.75 -11.14
N LYS A 135 -1.46 -10.30 -11.74
CA LYS A 135 -1.27 -10.91 -13.05
C LYS A 135 -0.91 -9.95 -14.16
N ASP A 136 -1.50 -8.78 -14.19
CA ASP A 136 -1.05 -7.70 -15.08
C ASP A 136 0.45 -7.44 -15.05
N GLY A 137 1.05 -7.34 -13.86
CA GLY A 137 2.50 -7.16 -13.72
C GLY A 137 3.26 -8.32 -14.35
N VAL A 138 2.91 -9.53 -13.92
CA VAL A 138 3.45 -10.79 -14.43
C VAL A 138 3.41 -10.86 -15.96
N LYS A 139 2.35 -10.38 -16.59
CA LYS A 139 2.23 -10.33 -18.07
C LYS A 139 3.22 -9.34 -18.68
N PHE A 140 3.33 -8.17 -18.07
CA PHE A 140 4.23 -7.20 -18.56
C PHE A 140 5.61 -7.78 -18.74
N TYR A 141 6.13 -8.43 -17.71
CA TYR A 141 7.52 -8.84 -17.71
C TYR A 141 7.76 -9.92 -18.69
N HIS A 142 6.76 -10.80 -18.82
CA HIS A 142 6.75 -11.85 -19.81
C HIS A 142 6.68 -11.30 -21.19
N ASP A 143 5.78 -10.35 -21.43
CA ASP A 143 5.74 -9.69 -22.73
C ASP A 143 7.14 -9.11 -23.07
N PHE A 144 7.73 -8.46 -22.07
CA PHE A 144 8.95 -7.73 -22.18
C PHE A 144 10.13 -8.65 -22.51
N ILE A 145 10.23 -9.72 -21.73
CA ILE A 145 11.24 -10.77 -21.92
C ILE A 145 11.13 -11.41 -23.30
N ASP A 146 9.94 -11.90 -23.65
CA ASP A 146 9.70 -12.52 -24.95
C ASP A 146 10.04 -11.57 -26.08
N GLU A 147 9.70 -10.31 -25.91
CA GLU A 147 10.06 -9.31 -26.90
C GLU A 147 11.57 -9.26 -27.02
N LEU A 148 12.29 -9.09 -25.91
CA LEU A 148 13.79 -9.11 -25.92
C LEU A 148 14.34 -10.33 -26.70
N LEU A 149 13.93 -11.52 -26.28
CA LEU A 149 14.39 -12.75 -26.88
C LEU A 149 13.97 -12.86 -28.31
N ALA A 150 12.79 -12.37 -28.65
CA ALA A 150 12.35 -12.33 -30.06
C ALA A 150 13.27 -11.50 -30.92
N ASN A 151 14.06 -10.65 -30.28
CA ASN A 151 14.91 -9.70 -30.98
C ASN A 151 16.41 -10.01 -30.94
N GLY A 152 16.77 -11.16 -30.39
CA GLY A 152 18.14 -11.57 -30.27
C GLY A 152 18.80 -11.01 -29.03
N ILE A 153 18.06 -10.31 -28.19
CA ILE A 153 18.69 -9.71 -27.00
C ILE A 153 18.54 -10.53 -25.67
N LYS A 154 19.64 -10.69 -24.93
CA LYS A 154 19.62 -11.51 -23.72
C LYS A 154 19.14 -10.76 -22.53
N PRO A 155 18.04 -11.21 -21.94
CA PRO A 155 17.44 -10.59 -20.75
C PRO A 155 18.30 -10.81 -19.50
N SER A 156 18.37 -9.81 -18.63
CA SER A 156 19.25 -9.90 -17.49
C SER A 156 18.70 -9.08 -16.34
N VAL A 157 18.27 -9.78 -15.28
CA VAL A 157 17.25 -9.27 -14.36
C VAL A 157 17.77 -9.05 -12.96
N THR A 158 17.59 -7.83 -12.44
CA THR A 158 18.03 -7.52 -11.07
C THR A 158 16.77 -7.71 -10.29
N LEU A 159 16.83 -8.34 -9.09
CA LEU A 159 15.64 -8.60 -8.32
C LEU A 159 15.24 -7.38 -7.52
N PHE A 160 16.24 -6.70 -6.94
CA PHE A 160 16.05 -5.50 -6.15
C PHE A 160 16.89 -4.28 -6.62
N HIS A 161 16.21 -3.26 -7.11
CA HIS A 161 16.87 -2.05 -7.43
C HIS A 161 16.25 -0.92 -6.60
N TRP A 162 16.21 -1.11 -5.30
CA TRP A 162 15.83 -0.06 -4.32
C TRP A 162 14.33 0.25 -4.28
N ASP A 163 13.55 -0.36 -5.17
CA ASP A 163 12.10 -0.12 -5.16
C ASP A 163 11.25 -1.10 -4.36
N LEU A 164 11.56 -1.17 -3.06
CA LEU A 164 10.93 -2.02 -2.08
C LEU A 164 9.45 -1.72 -1.95
N PRO A 165 8.58 -2.76 -1.88
CA PRO A 165 7.17 -2.49 -1.63
C PRO A 165 7.00 -1.67 -0.34
N GLN A 166 6.31 -0.53 -0.45
CA GLN A 166 5.95 0.22 0.74
C GLN A 166 5.26 -0.68 1.77
N ALA A 167 4.36 -1.55 1.33
CA ALA A 167 3.64 -2.45 2.27
C ALA A 167 4.56 -3.15 3.32
N LEU A 168 5.78 -3.54 2.90
CA LEU A 168 6.81 -4.15 3.78
C LEU A 168 7.60 -3.09 4.57
N GLU A 169 8.05 -2.05 3.86
CA GLU A 169 8.68 -0.93 4.53
C GLU A 169 7.81 -0.54 5.76
N ASP A 170 6.48 -0.39 5.57
CA ASP A 170 5.56 -0.06 6.65
C ASP A 170 5.39 -1.20 7.72
N GLU A 171 5.07 -2.41 7.29
CA GLU A 171 4.72 -3.46 8.24
C GLU A 171 5.75 -3.68 9.32
N TYR A 172 7.02 -3.87 8.91
CA TYR A 172 8.09 -4.20 9.84
C TYR A 172 9.41 -3.46 9.69
N GLY A 173 9.40 -2.31 9.04
CA GLY A 173 10.60 -1.50 8.88
C GLY A 173 11.43 -1.75 7.63
N GLY A 174 10.94 -2.59 6.73
CA GLY A 174 11.72 -2.95 5.55
C GLY A 174 12.99 -3.68 5.93
N PHE A 175 14.14 -3.16 5.54
CA PHE A 175 15.41 -3.88 5.75
C PHE A 175 16.00 -3.67 7.16
N LEU A 176 15.25 -3.02 8.03
CA LEU A 176 15.66 -2.95 9.41
C LEU A 176 15.22 -4.19 10.17
N SER A 177 14.44 -5.05 9.55
CA SER A 177 13.97 -6.27 10.19
C SER A 177 14.50 -7.56 9.57
N HIS A 178 14.57 -8.62 10.36
CA HIS A 178 14.94 -9.89 9.80
C HIS A 178 13.81 -10.46 8.97
N ARG A 179 12.64 -9.89 9.13
CA ARG A 179 11.47 -10.45 8.48
C ARG A 179 11.60 -10.33 6.95
N ILE A 180 12.44 -9.39 6.51
CA ILE A 180 12.66 -9.12 5.11
C ILE A 180 13.30 -10.32 4.44
N VAL A 181 14.07 -11.13 5.17
CA VAL A 181 14.78 -12.22 4.53
C VAL A 181 13.84 -13.25 3.86
N ASP A 182 12.87 -13.82 4.58
CA ASP A 182 11.95 -14.78 3.94
C ASP A 182 11.05 -14.20 2.84
N ASP A 183 10.45 -13.03 3.10
CA ASP A 183 9.64 -12.38 2.07
C ASP A 183 10.44 -12.14 0.79
N PHE A 184 11.67 -11.68 0.94
CA PHE A 184 12.57 -11.61 -0.21
C PHE A 184 12.81 -12.96 -0.91
N CYS A 185 12.92 -14.01 -0.11
CA CYS A 185 13.09 -15.34 -0.63
C CYS A 185 11.91 -15.81 -1.46
N GLU A 186 10.72 -15.45 -0.99
CA GLU A 186 9.48 -15.89 -1.59
C GLU A 186 9.25 -15.15 -2.89
N TYR A 187 9.70 -13.89 -2.93
CA TYR A 187 9.69 -13.04 -4.11
C TYR A 187 10.66 -13.63 -5.07
N ALA A 188 11.86 -13.90 -4.58
CA ALA A 188 12.90 -14.48 -5.41
C ALA A 188 12.41 -15.78 -6.05
N GLU A 189 11.90 -16.71 -5.22
CA GLU A 189 11.44 -17.99 -5.71
C GLU A 189 10.36 -17.81 -6.73
N PHE A 190 9.45 -16.89 -6.47
CA PHE A 190 8.36 -16.69 -7.40
C PHE A 190 8.91 -16.36 -8.79
N CYS A 191 9.82 -15.38 -8.83
CA CYS A 191 10.38 -14.88 -10.08
C CYS A 191 11.11 -15.96 -10.81
N PHE A 192 11.92 -16.75 -10.12
CA PHE A 192 12.68 -17.76 -10.79
C PHE A 192 11.70 -18.69 -11.49
N TRP A 193 10.72 -19.16 -10.73
CA TRP A 193 9.69 -20.04 -11.25
C TRP A 193 8.96 -19.42 -12.44
N GLU A 194 8.47 -18.21 -12.25
CA GLU A 194 7.63 -17.58 -13.23
C GLU A 194 8.45 -17.27 -14.50
N PHE A 195 9.62 -16.65 -14.36
CA PHE A 195 10.35 -16.10 -15.50
C PHE A 195 11.61 -16.82 -15.95
N GLY A 196 12.20 -17.60 -15.06
CA GLY A 196 13.54 -18.11 -15.25
C GLY A 196 13.83 -19.11 -16.35
N ASP A 197 12.80 -19.76 -16.89
CA ASP A 197 13.03 -20.65 -18.01
C ASP A 197 13.51 -19.86 -19.20
N LYS A 198 13.87 -18.61 -18.99
CA LYS A 198 14.27 -17.80 -20.07
C LYS A 198 15.23 -16.74 -19.63
N ILE A 199 15.56 -16.74 -18.34
CA ILE A 199 16.59 -15.86 -17.80
C ILE A 199 17.84 -16.63 -17.49
N LYS A 200 18.98 -16.16 -18.00
CA LYS A 200 20.28 -16.76 -17.62
C LYS A 200 21.11 -15.96 -16.61
N TYR A 201 20.62 -14.76 -16.30
CA TYR A 201 21.39 -13.78 -15.53
C TYR A 201 20.52 -13.09 -14.49
N TRP A 202 20.74 -13.53 -13.24
CA TRP A 202 20.00 -13.03 -12.12
C TRP A 202 20.93 -12.25 -11.23
N THR A 203 20.51 -11.08 -10.82
CA THR A 203 21.30 -10.33 -9.86
C THR A 203 20.37 -10.12 -8.70
N THR A 204 20.81 -10.37 -7.47
CA THR A 204 19.90 -10.17 -6.34
C THR A 204 19.77 -8.67 -5.99
N PHE A 205 20.90 -8.03 -5.77
CA PHE A 205 20.87 -6.62 -5.31
C PHE A 205 21.71 -5.73 -6.19
N ASN A 206 21.22 -4.53 -6.44
CA ASN A 206 22.06 -3.51 -7.06
C ASN A 206 22.59 -2.45 -6.06
N GLU A 207 23.89 -2.38 -5.89
CA GLU A 207 24.43 -1.33 -5.07
C GLU A 207 23.81 -1.31 -3.68
N PRO A 208 23.73 -2.46 -2.98
CA PRO A 208 23.29 -2.35 -1.60
C PRO A 208 24.06 -1.26 -0.83
N HIS A 209 25.32 -1.01 -1.17
CA HIS A 209 26.03 0.07 -0.49
C HIS A 209 25.28 1.41 -0.63
N THR A 210 24.92 1.78 -1.85
CA THR A 210 24.22 3.03 -2.08
C THR A 210 22.83 3.03 -1.35
N PHE A 211 22.07 1.95 -1.56
CA PHE A 211 20.76 1.78 -0.96
C PHE A 211 20.86 1.99 0.54
N ALA A 212 21.82 1.37 1.19
CA ALA A 212 21.96 1.44 2.64
C ALA A 212 22.54 2.74 3.12
N VAL A 213 23.60 3.22 2.47
CA VAL A 213 24.24 4.51 2.83
C VAL A 213 23.35 5.71 2.58
N ASN A 214 22.83 5.87 1.36
CA ASN A 214 22.01 7.05 1.10
C ASN A 214 20.65 7.05 1.80
N GLY A 215 20.17 5.83 2.05
CA GLY A 215 18.82 5.56 2.55
C GLY A 215 18.75 5.63 4.05
N TYR A 216 19.77 5.13 4.73
CA TYR A 216 19.76 5.11 6.21
C TYR A 216 20.92 5.84 6.96
N ALA A 217 21.72 6.59 6.22
CA ALA A 217 22.85 7.30 6.82
C ALA A 217 22.77 8.76 6.43
N LEU A 218 22.43 9.04 5.18
CA LEU A 218 22.41 10.44 4.70
C LEU A 218 20.98 10.99 4.60
N GLY A 219 20.01 10.08 4.78
CA GLY A 219 18.60 10.33 4.49
C GLY A 219 18.32 10.95 3.13
N GLU A 220 19.04 10.53 2.11
CA GLU A 220 18.98 11.23 0.84
C GLU A 220 18.17 10.51 -0.25
N PHE A 221 17.98 9.22 -0.04
CA PHE A 221 17.31 8.36 -0.95
C PHE A 221 16.27 7.73 -0.05
N ALA A 222 15.34 6.98 -0.64
CA ALA A 222 14.32 6.29 0.13
C ALA A 222 14.97 5.38 1.18
N PRO A 223 14.43 5.29 2.41
CA PRO A 223 13.25 5.93 3.02
C PRO A 223 13.56 7.25 3.61
N GLY A 224 14.81 7.67 3.54
CA GLY A 224 15.15 9.03 3.95
C GLY A 224 15.44 9.11 5.42
N ARG A 225 16.25 8.17 5.91
CA ARG A 225 16.46 8.06 7.33
C ARG A 225 17.91 8.35 7.71
N GLY A 226 18.14 8.88 8.91
CA GLY A 226 19.53 9.14 9.34
C GLY A 226 20.17 10.53 9.33
N GLY A 227 20.09 11.27 8.20
CA GLY A 227 20.62 12.64 8.12
C GLY A 227 19.92 13.65 9.02
N LYS A 228 20.49 14.85 9.16
CA LYS A 228 19.98 15.84 10.15
C LYS A 228 18.47 16.19 10.01
N GLY A 229 17.77 16.18 11.13
CA GLY A 229 16.32 16.36 11.14
C GLY A 229 15.53 15.19 10.57
N ASP A 230 16.22 14.09 10.23
CA ASP A 230 15.53 12.88 9.74
C ASP A 230 15.18 11.93 10.86
N GLU A 231 15.01 10.66 10.54
CA GLU A 231 14.30 9.79 11.44
C GLU A 231 15.08 8.69 12.14
N GLY A 232 15.99 8.00 11.44
CA GLY A 232 16.70 6.87 12.08
C GLY A 232 17.87 7.21 13.01
N ASP A 233 18.90 6.38 12.93
CA ASP A 233 20.12 6.61 13.66
C ASP A 233 21.24 6.29 12.70
N PRO A 234 22.00 7.32 12.25
CA PRO A 234 23.01 7.10 11.19
C PRO A 234 24.19 6.28 11.66
N ALA A 235 24.19 5.93 12.95
CA ALA A 235 25.26 5.14 13.53
C ALA A 235 24.86 3.70 13.57
N ILE A 236 23.56 3.44 13.67
CA ILE A 236 23.10 2.05 13.76
C ILE A 236 22.57 1.46 12.44
N GLU A 237 21.64 2.16 11.80
CA GLU A 237 20.84 1.49 10.80
C GLU A 237 21.57 0.98 9.57
N PRO A 238 22.47 1.79 8.96
CA PRO A 238 23.14 1.26 7.78
C PRO A 238 23.77 -0.13 8.00
N TYR A 239 24.27 -0.43 9.19
CA TYR A 239 24.83 -1.74 9.48
C TYR A 239 23.75 -2.83 9.51
N VAL A 240 22.55 -2.48 9.99
CA VAL A 240 21.49 -3.45 10.20
C VAL A 240 20.95 -3.85 8.85
N VAL A 241 20.81 -2.85 7.99
CA VAL A 241 20.32 -3.01 6.65
C VAL A 241 21.29 -3.87 5.85
N THR A 242 22.50 -3.41 5.64
CA THR A 242 23.45 -4.27 4.98
C THR A 242 23.45 -5.66 5.56
N HIS A 243 23.38 -5.79 6.87
CA HIS A 243 23.41 -7.11 7.49
C HIS A 243 22.24 -8.00 7.02
N ASN A 244 21.04 -7.42 6.98
CA ASN A 244 19.86 -8.11 6.45
C ASN A 244 19.88 -8.31 4.92
N ILE A 245 20.44 -7.36 4.17
CA ILE A 245 20.55 -7.46 2.71
C ILE A 245 21.44 -8.63 2.35
N LEU A 246 22.49 -8.84 3.14
CA LEU A 246 23.41 -9.88 2.82
C LEU A 246 22.69 -11.17 3.13
N LEU A 247 21.85 -11.17 4.16
CA LEU A 247 21.17 -12.39 4.49
C LEU A 247 20.05 -12.62 3.48
N ALA A 248 19.36 -11.56 3.08
CA ALA A 248 18.43 -11.67 1.92
C ALA A 248 19.16 -12.29 0.74
N HIS A 249 20.19 -11.61 0.25
CA HIS A 249 21.02 -12.12 -0.83
C HIS A 249 21.35 -13.64 -0.66
N LYS A 250 21.95 -14.00 0.48
CA LYS A 250 22.18 -15.40 0.77
C LYS A 250 20.92 -16.23 0.46
N ALA A 251 19.78 -15.86 1.04
CA ALA A 251 18.57 -16.67 0.95
C ALA A 251 18.24 -16.98 -0.52
N ALA A 252 18.35 -15.93 -1.33
CA ALA A 252 17.98 -15.96 -2.70
C ALA A 252 18.94 -16.79 -3.46
N VAL A 253 20.24 -16.69 -3.17
CA VAL A 253 21.22 -17.48 -3.93
C VAL A 253 20.99 -18.98 -3.76
N GLU A 254 20.85 -19.43 -2.52
CA GLU A 254 20.58 -20.82 -2.25
C GLU A 254 19.29 -21.24 -2.90
N GLU A 255 18.25 -20.41 -2.82
CA GLU A 255 16.97 -20.80 -3.37
C GLU A 255 17.22 -21.17 -4.82
N TYR A 256 18.02 -20.36 -5.51
CA TYR A 256 18.30 -20.55 -6.92
C TYR A 256 19.24 -21.75 -7.09
N ARG A 257 20.34 -21.78 -6.36
CA ARG A 257 21.24 -22.89 -6.53
C ARG A 257 20.47 -24.19 -6.41
N ASN A 258 19.79 -24.38 -5.28
CA ASN A 258 19.23 -25.72 -4.95
C ASN A 258 18.00 -26.06 -5.77
N LYS A 259 17.33 -25.04 -6.27
CA LYS A 259 16.04 -25.26 -6.89
C LYS A 259 15.95 -25.01 -8.40
N PHE A 260 16.67 -24.00 -8.89
CA PHE A 260 16.52 -23.62 -10.28
C PHE A 260 17.74 -23.78 -11.18
N GLN A 261 18.95 -23.53 -10.65
CA GLN A 261 20.21 -23.51 -11.46
C GLN A 261 20.41 -24.70 -12.39
N LYS A 262 20.30 -25.91 -11.87
CA LYS A 262 20.44 -27.08 -12.70
C LYS A 262 19.39 -27.07 -13.84
N CYS A 263 18.18 -26.61 -13.57
CA CYS A 263 17.09 -26.59 -14.56
C CYS A 263 17.25 -25.54 -15.62
N GLN A 264 17.41 -24.31 -15.17
CA GLN A 264 17.30 -23.17 -16.03
C GLN A 264 18.68 -22.73 -16.51
N GLU A 265 19.71 -23.37 -15.98
CA GLU A 265 21.07 -23.17 -16.47
C GLU A 265 21.51 -21.71 -16.52
N GLY A 266 21.17 -20.95 -15.50
CA GLY A 266 21.63 -19.59 -15.40
C GLY A 266 22.58 -19.39 -14.24
N GLU A 267 22.92 -18.11 -14.00
CA GLU A 267 23.89 -17.72 -12.96
C GLU A 267 23.36 -16.54 -12.13
N ILE A 268 23.42 -16.65 -10.80
CA ILE A 268 22.96 -15.59 -9.91
C ILE A 268 24.13 -14.96 -9.18
N GLY A 269 24.12 -13.64 -9.06
CA GLY A 269 25.21 -12.93 -8.37
C GLY A 269 24.71 -11.65 -7.68
N ILE A 270 25.63 -10.75 -7.38
CA ILE A 270 25.29 -9.51 -6.73
C ILE A 270 26.02 -8.36 -7.39
N VAL A 271 25.49 -7.15 -7.31
CA VAL A 271 26.19 -6.05 -7.96
C VAL A 271 26.68 -5.00 -6.97
N LEU A 272 27.99 -4.89 -6.80
CA LEU A 272 28.52 -3.88 -5.91
C LEU A 272 29.03 -2.63 -6.63
N ASN A 273 29.40 -1.61 -5.88
CA ASN A 273 29.70 -0.33 -6.45
C ASN A 273 30.79 0.18 -5.61
N SER A 274 31.71 0.92 -6.24
CA SER A 274 32.80 1.53 -5.54
C SER A 274 33.48 2.61 -6.37
N MET A 275 34.10 3.54 -5.66
CA MET A 275 35.01 4.50 -6.27
C MET A 275 36.31 3.82 -6.15
N TRP A 276 37.29 4.24 -6.94
CA TRP A 276 38.61 3.74 -6.66
C TRP A 276 39.14 4.67 -5.63
N MET A 277 39.96 4.16 -4.73
CA MET A 277 40.53 4.96 -3.68
C MET A 277 42.06 5.07 -3.90
N GLU A 278 42.53 6.24 -4.31
CA GLU A 278 43.96 6.47 -4.46
C GLU A 278 44.65 7.13 -3.23
N PRO A 279 45.79 6.58 -2.80
CA PRO A 279 46.56 7.23 -1.74
C PRO A 279 47.04 8.61 -2.15
N LEU A 280 46.80 9.59 -1.28
CA LEU A 280 47.09 11.00 -1.59
C LEU A 280 48.60 11.22 -1.62
N SER A 281 49.25 10.86 -0.52
CA SER A 281 50.71 10.78 -0.54
C SER A 281 51.04 9.30 -0.70
N ASP A 282 52.33 8.99 -0.58
CA ASP A 282 52.78 7.61 -0.54
C ASP A 282 53.54 7.31 0.73
N VAL A 283 52.99 7.85 1.82
CA VAL A 283 53.33 7.48 3.19
C VAL A 283 52.41 6.30 3.59
N GLN A 284 52.69 5.69 4.73
CA GLN A 284 51.83 4.66 5.29
C GLN A 284 50.41 5.20 5.54
N ALA A 285 50.04 5.79 6.66
CA ALA A 285 48.66 6.35 6.79
C ALA A 285 47.73 6.47 5.57
N ASP A 286 48.24 6.85 4.39
CA ASP A 286 47.40 6.97 3.16
C ASP A 286 47.13 5.62 2.49
N ILE A 287 48.06 4.68 2.68
CA ILE A 287 47.86 3.33 2.21
C ILE A 287 46.86 2.59 3.09
N ASP A 288 46.92 2.81 4.40
CA ASP A 288 45.93 2.27 5.35
C ASP A 288 44.56 2.86 5.10
N ALA A 289 44.52 4.13 4.72
CA ALA A 289 43.28 4.84 4.44
C ALA A 289 42.57 4.27 3.20
N GLN A 290 43.35 3.76 2.25
CA GLN A 290 42.78 3.20 1.04
C GLN A 290 42.22 1.86 1.42
N LYS A 291 43.00 1.11 2.19
CA LYS A 291 42.57 -0.20 2.66
C LYS A 291 41.26 -0.06 3.46
N ARG A 292 41.17 0.95 4.32
CA ARG A 292 39.93 1.20 5.07
C ARG A 292 38.77 1.68 4.22
N ALA A 293 39.03 2.59 3.29
CA ALA A 293 37.98 3.15 2.44
C ALA A 293 37.32 2.10 1.56
N LEU A 294 38.13 1.14 1.12
CA LEU A 294 37.68 0.05 0.28
C LEU A 294 37.01 -1.00 1.13
N ASP A 295 37.61 -1.35 2.27
CA ASP A 295 36.97 -2.20 3.27
C ASP A 295 35.55 -1.76 3.54
N PHE A 296 35.39 -0.48 3.88
CA PHE A 296 34.11 0.04 4.31
C PHE A 296 33.06 0.11 3.25
N MET A 297 33.46 0.27 2.00
CA MET A 297 32.52 0.46 0.89
C MET A 297 32.32 -0.77 0.03
N LEU A 298 33.42 -1.48 -0.24
CA LEU A 298 33.38 -2.74 -0.97
C LEU A 298 33.39 -3.95 -0.03
N GLY A 299 34.44 -4.02 0.80
CA GLY A 299 34.63 -5.14 1.71
C GLY A 299 33.44 -5.38 2.63
N TRP A 300 32.69 -4.32 2.85
CA TRP A 300 31.49 -4.39 3.64
C TRP A 300 30.67 -5.57 3.13
N PHE A 301 30.78 -5.86 1.82
CA PHE A 301 30.01 -6.92 1.19
C PHE A 301 30.88 -8.08 0.72
N LEU A 302 31.95 -7.78 -0.02
CA LEU A 302 32.78 -8.86 -0.50
C LEU A 302 33.38 -9.73 0.61
N GLU A 303 33.81 -9.11 1.69
CA GLU A 303 34.37 -9.90 2.77
C GLU A 303 33.42 -11.01 3.29
N PRO A 304 32.19 -10.67 3.71
CA PRO A 304 31.29 -11.74 4.09
C PRO A 304 31.19 -12.75 2.99
N LEU A 305 30.97 -12.30 1.77
CA LEU A 305 30.85 -13.20 0.63
C LEU A 305 32.13 -14.04 0.36
N THR A 306 33.23 -13.74 1.07
CA THR A 306 34.51 -14.45 0.91
C THR A 306 34.80 -15.30 2.13
N THR A 307 35.15 -14.66 3.25
CA THR A 307 35.53 -15.37 4.46
C THR A 307 34.39 -15.58 5.45
N GLY A 308 33.27 -14.88 5.26
CA GLY A 308 32.07 -15.05 6.10
C GLY A 308 32.06 -14.18 7.35
N ASP A 309 32.58 -12.97 7.18
CA ASP A 309 32.79 -12.03 8.26
C ASP A 309 33.11 -10.72 7.60
N TYR A 310 32.81 -9.62 8.29
CA TYR A 310 33.11 -8.26 7.83
C TYR A 310 34.60 -8.01 7.96
N PRO A 311 35.14 -7.06 7.18
CA PRO A 311 36.57 -6.73 7.20
C PRO A 311 37.14 -6.41 8.60
N LYS A 312 38.36 -6.85 8.87
CA LYS A 312 38.96 -6.57 10.19
C LYS A 312 38.76 -5.11 10.53
N SER A 313 39.06 -4.21 9.60
CA SER A 313 39.07 -2.78 9.88
C SER A 313 37.67 -2.23 10.21
N MET A 314 36.62 -2.99 9.86
CA MET A 314 35.29 -2.59 10.29
C MET A 314 35.01 -3.09 11.68
N ARG A 315 35.55 -4.24 12.05
CA ARG A 315 35.32 -4.72 13.43
C ARG A 315 36.02 -3.78 14.41
N GLU A 316 37.25 -3.36 14.08
CA GLU A 316 38.10 -2.47 14.93
C GLU A 316 37.27 -1.29 15.34
N LEU A 317 36.77 -0.58 14.33
CA LEU A 317 36.25 0.75 14.53
C LEU A 317 34.77 0.74 14.98
N VAL A 318 33.93 -0.05 14.31
CA VAL A 318 32.49 -0.10 14.54
C VAL A 318 32.11 -0.91 15.78
N LYS A 319 32.94 -1.87 16.15
CA LYS A 319 32.76 -2.69 17.37
C LYS A 319 31.35 -3.32 17.48
N GLY A 320 30.73 -3.16 18.65
CA GLY A 320 29.42 -3.77 18.95
C GLY A 320 28.26 -3.17 18.18
N ARG A 321 28.52 -2.14 17.39
CA ARG A 321 27.49 -1.57 16.51
C ARG A 321 27.43 -2.29 15.19
N LEU A 322 28.24 -3.33 15.04
CA LEU A 322 28.27 -4.14 13.84
C LEU A 322 27.74 -5.54 14.17
N PRO A 323 26.71 -6.01 13.46
CA PRO A 323 26.17 -7.32 13.86
C PRO A 323 27.07 -8.52 13.52
N LYS A 324 26.91 -9.55 14.33
CA LYS A 324 27.65 -10.78 14.20
C LYS A 324 26.82 -11.72 13.34
N PHE A 325 27.49 -12.61 12.59
CA PHE A 325 26.80 -13.69 11.87
C PHE A 325 26.83 -14.96 12.72
N SER A 326 25.78 -15.77 12.67
CA SER A 326 25.80 -17.03 13.38
C SER A 326 26.80 -17.97 12.73
N ALA A 327 27.21 -19.02 13.45
CA ALA A 327 28.22 -19.94 12.93
C ALA A 327 27.76 -20.26 11.54
N ASP A 328 26.54 -20.77 11.45
CA ASP A 328 26.00 -21.26 10.19
C ASP A 328 25.86 -20.17 9.09
N ASP A 329 25.53 -18.94 9.46
CA ASP A 329 25.47 -17.86 8.46
C ASP A 329 26.83 -17.55 7.79
N SER A 330 27.90 -17.44 8.58
CA SER A 330 29.26 -17.28 8.05
C SER A 330 29.60 -18.29 6.98
N GLU A 331 29.44 -19.57 7.33
CA GLU A 331 29.78 -20.67 6.46
C GLU A 331 29.05 -20.59 5.11
N LYS A 332 27.75 -20.32 5.20
CA LYS A 332 26.97 -20.39 4.01
C LYS A 332 27.13 -19.14 3.15
N LEU A 333 27.85 -18.14 3.67
CA LEU A 333 28.09 -16.90 2.92
C LEU A 333 29.32 -16.98 2.07
N LYS A 334 30.23 -17.86 2.46
CA LYS A 334 31.50 -18.03 1.78
C LYS A 334 31.25 -18.44 0.36
N GLY A 335 31.74 -17.64 -0.59
CA GLY A 335 31.58 -17.90 -2.02
C GLY A 335 30.11 -18.06 -2.38
N CYS A 336 29.30 -17.12 -1.91
CA CYS A 336 27.86 -17.19 -2.12
C CYS A 336 27.42 -16.25 -3.23
N TYR A 337 27.98 -16.51 -4.42
CA TYR A 337 27.67 -15.78 -5.63
C TYR A 337 28.27 -16.56 -6.78
N ASP A 338 27.64 -16.45 -7.94
CA ASP A 338 28.18 -16.96 -9.16
C ASP A 338 28.95 -15.89 -9.90
N PHE A 339 28.80 -14.65 -9.50
CA PHE A 339 29.53 -13.55 -10.14
C PHE A 339 29.41 -12.23 -9.37
N ILE A 340 30.34 -11.31 -9.61
CA ILE A 340 30.30 -9.99 -8.99
C ILE A 340 30.21 -8.93 -10.09
N GLY A 341 29.08 -8.21 -10.12
CA GLY A 341 28.89 -7.15 -11.06
C GLY A 341 29.47 -5.93 -10.38
N MET A 342 30.08 -5.01 -11.14
CA MET A 342 30.64 -3.79 -10.55
C MET A 342 30.26 -2.47 -11.23
N ASN A 343 29.77 -1.53 -10.44
CA ASN A 343 29.50 -0.20 -10.93
C ASN A 343 30.61 0.74 -10.50
N TYR A 344 31.31 1.26 -11.49
CA TYR A 344 32.41 2.17 -11.29
C TYR A 344 32.01 3.48 -11.94
N TYR A 345 32.28 4.59 -11.26
CA TYR A 345 32.06 5.88 -11.91
C TYR A 345 33.24 6.81 -11.90
N THR A 346 34.03 6.74 -10.83
CA THR A 346 35.09 7.71 -10.57
C THR A 346 36.12 7.22 -9.53
N ALA A 347 37.16 8.01 -9.29
CA ALA A 347 38.17 7.73 -8.24
C ALA A 347 38.40 8.98 -7.46
N THR A 348 38.97 8.81 -6.29
CA THR A 348 39.24 9.90 -5.38
C THR A 348 40.52 9.59 -4.67
N TYR A 349 41.22 10.62 -4.26
CA TYR A 349 42.32 10.44 -3.33
C TYR A 349 41.81 10.27 -1.89
N VAL A 350 42.55 9.53 -1.08
CA VAL A 350 42.20 9.34 0.33
C VAL A 350 43.35 9.71 1.28
N THR A 351 43.03 9.96 2.55
CA THR A 351 44.01 10.21 3.63
C THR A 351 43.40 10.05 5.05
N ASN A 352 44.24 9.90 6.08
CA ASN A 352 43.76 9.77 7.45
C ASN A 352 42.94 11.02 7.82
N ALA A 353 41.84 10.88 8.56
CA ALA A 353 41.01 12.05 8.97
C ALA A 353 41.45 12.64 10.33
N VAL A 354 40.69 13.61 10.86
CA VAL A 354 41.04 14.17 12.19
C VAL A 354 39.86 14.25 13.19
N LYS A 360 29.70 13.32 16.53
CA LYS A 360 28.57 12.41 16.25
C LYS A 360 28.95 11.16 15.45
N LEU A 361 28.63 10.00 16.03
CA LEU A 361 28.81 8.72 15.37
C LEU A 361 27.94 8.53 14.09
N SER A 362 28.55 8.04 13.01
CA SER A 362 27.82 7.78 11.75
C SER A 362 28.65 6.92 10.81
N TYR A 363 27.98 6.05 10.08
CA TYR A 363 28.67 5.23 9.10
C TYR A 363 29.60 6.10 8.32
N GLU A 364 29.05 7.24 7.92
CA GLU A 364 29.66 8.23 7.05
C GLU A 364 31.11 8.49 7.41
N THR A 365 31.31 8.78 8.69
CA THR A 365 32.61 9.13 9.26
C THR A 365 33.35 7.98 9.99
N ASP A 366 32.78 6.77 9.97
CA ASP A 366 33.38 5.63 10.66
C ASP A 366 34.70 5.04 10.08
N ASP A 367 34.84 4.99 8.75
CA ASP A 367 36.14 4.68 8.11
C ASP A 367 36.88 5.93 8.41
N GLN A 368 38.13 5.93 8.77
CA GLN A 368 38.56 7.24 9.19
C GLN A 368 39.29 8.01 8.14
N VAL A 369 38.58 8.27 7.04
CA VAL A 369 39.22 8.73 5.82
C VAL A 369 38.57 9.96 5.22
N THR A 370 39.34 11.05 5.15
CA THR A 370 39.00 12.24 4.36
C THR A 370 39.25 11.95 2.87
N LYS A 371 38.31 12.30 2.02
CA LYS A 371 38.48 12.01 0.60
C LYS A 371 38.56 13.32 -0.14
N THR A 372 39.34 13.39 -1.20
CA THR A 372 39.48 14.62 -1.94
C THR A 372 39.76 14.31 -3.40
N PHE A 373 39.24 15.14 -4.31
CA PHE A 373 39.54 14.98 -5.73
C PHE A 373 40.86 15.66 -6.12
N GLU A 374 41.47 16.42 -5.21
CA GLU A 374 42.60 17.24 -5.61
C GLU A 374 43.92 16.85 -4.90
N ARG A 375 45.01 16.74 -5.67
CA ARG A 375 46.30 16.36 -5.10
C ARG A 375 47.02 17.64 -4.68
N ASN A 376 47.33 18.48 -5.65
CA ASN A 376 47.85 19.80 -5.31
C ASN A 376 47.06 20.86 -6.02
N GLN A 377 45.75 20.81 -5.79
CA GLN A 377 44.75 21.52 -6.59
C GLN A 377 44.53 20.84 -7.95
N LYS A 378 45.51 20.03 -8.39
CA LYS A 378 45.31 19.18 -9.58
C LYS A 378 44.14 18.18 -9.38
N PRO A 379 43.07 18.31 -10.18
CA PRO A 379 42.03 17.26 -10.08
C PRO A 379 42.55 15.92 -10.60
N ILE A 380 42.11 14.84 -9.97
CA ILE A 380 42.40 13.47 -10.36
C ILE A 380 41.98 13.16 -11.82
N GLY A 381 40.91 13.77 -12.30
CA GLY A 381 40.48 13.64 -13.68
C GLY A 381 39.52 14.78 -14.01
N HIS A 382 39.25 14.99 -15.30
CA HIS A 382 38.39 16.11 -15.66
C HIS A 382 37.09 15.99 -14.87
N ALA A 383 36.64 17.10 -14.29
CA ALA A 383 35.39 17.16 -13.51
C ALA A 383 34.13 17.34 -14.36
N LEU A 384 33.21 16.40 -14.29
CA LEU A 384 31.95 16.51 -15.03
C LEU A 384 30.87 17.32 -14.31
N TYR A 385 29.69 17.40 -14.92
CA TYR A 385 28.65 18.32 -14.47
C TYR A 385 28.44 18.39 -12.97
N GLY A 386 28.20 17.26 -12.30
CA GLY A 386 27.93 17.32 -10.85
C GLY A 386 28.89 18.11 -9.96
N GLY A 387 30.20 17.98 -10.22
CA GLY A 387 31.23 18.34 -9.24
C GLY A 387 31.84 17.06 -8.66
N TRP A 388 31.11 15.95 -8.84
CA TRP A 388 31.46 14.69 -8.23
C TRP A 388 32.10 13.68 -9.21
N GLN A 389 31.45 13.36 -10.31
CA GLN A 389 32.13 12.50 -11.30
C GLN A 389 33.37 13.18 -11.95
N HIS A 390 34.48 12.47 -11.85
CA HIS A 390 35.75 12.86 -12.41
C HIS A 390 36.13 11.78 -13.38
N VAL A 391 36.52 12.16 -14.58
CA VAL A 391 36.84 11.15 -15.55
C VAL A 391 38.18 10.52 -15.19
N VAL A 392 38.14 9.30 -14.62
CA VAL A 392 39.37 8.55 -14.24
C VAL A 392 39.41 7.10 -14.79
N PRO A 393 39.77 6.92 -16.07
CA PRO A 393 39.67 5.62 -16.72
C PRO A 393 40.45 4.55 -15.98
N TRP A 394 41.58 4.94 -15.40
CA TRP A 394 42.49 3.98 -14.83
C TRP A 394 42.07 3.51 -13.45
N GLY A 395 41.00 4.08 -12.93
CA GLY A 395 40.52 3.69 -11.62
C GLY A 395 39.75 2.38 -11.69
N LEU A 396 39.12 2.16 -12.84
CA LEU A 396 38.38 0.94 -13.07
C LEU A 396 39.42 -0.14 -13.20
N TYR A 397 40.56 0.18 -13.82
CA TYR A 397 41.63 -0.79 -13.93
C TYR A 397 42.02 -1.24 -12.52
N LYS A 398 42.50 -0.31 -11.70
CA LYS A 398 42.94 -0.68 -10.37
C LYS A 398 41.79 -1.32 -9.56
N LEU A 399 40.57 -0.78 -9.64
CA LEU A 399 39.47 -1.41 -8.87
C LEU A 399 39.26 -2.88 -9.22
N LEU A 400 39.25 -3.19 -10.51
CA LEU A 400 39.04 -4.55 -10.97
C LEU A 400 40.20 -5.46 -10.52
N VAL A 401 41.42 -4.94 -10.60
CA VAL A 401 42.58 -5.69 -10.13
C VAL A 401 42.50 -5.93 -8.62
N TYR A 402 42.08 -4.90 -7.91
CA TYR A 402 41.95 -4.99 -6.47
C TYR A 402 41.02 -6.13 -6.07
N THR A 403 39.84 -6.15 -6.67
CA THR A 403 38.85 -7.18 -6.36
C THR A 403 39.34 -8.61 -6.61
N LYS A 404 39.86 -8.89 -7.81
CA LYS A 404 40.49 -10.22 -8.07
C LYS A 404 41.53 -10.54 -7.00
N GLU A 405 42.54 -9.66 -6.88
CA GLU A 405 43.65 -9.87 -5.95
C GLU A 405 43.22 -10.01 -4.50
N THR A 406 42.26 -9.20 -4.03
CA THR A 406 41.88 -9.16 -2.61
C THR A 406 40.79 -10.15 -2.24
N TYR A 407 39.83 -10.36 -3.13
CA TYR A 407 38.69 -11.22 -2.82
C TYR A 407 38.55 -12.43 -3.73
N HIS A 408 39.55 -12.69 -4.56
CA HIS A 408 39.64 -13.93 -5.38
C HIS A 408 38.37 -14.28 -6.17
N VAL A 409 37.78 -13.29 -6.82
CA VAL A 409 36.52 -13.48 -7.49
C VAL A 409 36.72 -14.17 -8.85
N PRO A 410 36.11 -15.36 -9.02
CA PRO A 410 36.21 -16.14 -10.24
C PRO A 410 35.64 -15.45 -11.48
N VAL A 411 34.52 -14.76 -11.34
CA VAL A 411 33.86 -14.15 -12.49
C VAL A 411 33.45 -12.73 -12.16
N LEU A 412 33.92 -11.76 -12.95
CA LEU A 412 33.55 -10.36 -12.80
C LEU A 412 32.90 -9.82 -14.07
N TYR A 413 31.90 -8.97 -13.89
CA TYR A 413 31.37 -8.13 -14.97
C TYR A 413 31.37 -6.64 -14.56
N VAL A 414 31.83 -5.75 -15.44
CA VAL A 414 31.47 -4.33 -15.31
C VAL A 414 29.95 -4.07 -15.59
N THR A 415 29.13 -4.05 -14.54
CA THR A 415 27.69 -4.02 -14.76
C THR A 415 27.11 -2.63 -15.06
N GLU A 416 27.89 -1.61 -14.75
CA GLU A 416 27.46 -0.23 -14.90
C GLU A 416 28.71 0.67 -15.05
N SER A 417 28.84 1.26 -16.24
CA SER A 417 29.91 2.23 -16.55
C SER A 417 29.35 3.31 -17.46
N GLY A 418 29.64 4.56 -17.14
CA GLY A 418 28.98 5.65 -17.87
C GLY A 418 29.26 7.03 -17.34
N MET A 419 28.89 8.05 -18.11
CA MET A 419 29.12 9.40 -17.67
C MET A 419 27.87 10.28 -17.62
N VAL A 420 27.92 11.23 -16.68
CA VAL A 420 26.83 12.18 -16.45
C VAL A 420 26.90 13.36 -17.44
N GLU A 421 25.78 14.04 -17.65
CA GLU A 421 25.71 15.13 -18.59
C GLU A 421 24.60 16.02 -18.10
N GLU A 422 24.91 17.31 -18.00
CA GLU A 422 23.90 18.29 -17.64
C GLU A 422 22.69 18.19 -18.57
N ASN A 423 21.49 18.24 -18.00
CA ASN A 423 20.31 18.31 -18.84
C ASN A 423 20.09 19.72 -19.20
N LYS A 424 20.73 20.15 -20.28
CA LYS A 424 20.61 21.52 -20.73
C LYS A 424 19.32 21.61 -21.48
N THR A 425 18.29 22.22 -20.87
CA THR A 425 17.12 22.67 -21.61
C THR A 425 17.65 23.83 -22.42
N LYS A 426 16.91 24.38 -23.36
CA LYS A 426 17.49 25.58 -24.08
C LYS A 426 18.51 25.34 -25.22
N ILE A 427 18.93 24.10 -25.49
CA ILE A 427 19.61 23.79 -26.75
C ILE A 427 18.79 22.83 -27.67
N LEU A 428 18.91 22.99 -28.99
CA LEU A 428 18.30 22.08 -29.95
C LEU A 428 18.80 20.65 -29.75
N LEU A 429 17.92 19.66 -29.98
CA LEU A 429 18.32 18.24 -30.01
C LEU A 429 19.51 17.92 -30.93
N SER A 430 19.60 18.58 -32.08
CA SER A 430 20.79 18.51 -32.92
C SER A 430 22.10 18.55 -32.16
N GLU A 431 22.12 19.40 -31.14
CA GLU A 431 23.33 19.78 -30.48
C GLU A 431 23.45 18.82 -29.33
N ALA A 432 22.37 18.68 -28.57
CA ALA A 432 22.36 17.83 -27.38
C ALA A 432 22.85 16.39 -27.61
N ARG A 433 22.74 15.89 -28.82
CA ARG A 433 22.99 14.49 -29.12
C ARG A 433 24.40 14.23 -29.63
N ARG A 434 25.13 15.31 -29.89
CA ARG A 434 26.54 15.26 -30.30
C ARG A 434 27.39 15.21 -29.03
N ASP A 435 27.24 14.09 -28.32
CA ASP A 435 27.87 13.87 -27.02
C ASP A 435 29.25 13.23 -27.21
N ALA A 436 30.07 13.89 -28.02
CA ALA A 436 31.43 13.45 -28.34
C ALA A 436 32.14 12.93 -27.09
N GLU A 437 32.15 13.73 -26.02
CA GLU A 437 32.76 13.36 -24.74
C GLU A 437 32.29 12.01 -24.18
N ARG A 438 30.99 11.75 -24.15
CA ARG A 438 30.53 10.44 -23.69
C ARG A 438 31.05 9.24 -24.50
N THR A 439 31.31 9.42 -25.79
CA THR A 439 31.92 8.37 -26.62
C THR A 439 33.34 8.10 -26.11
N ASP A 440 34.14 9.16 -26.13
CA ASP A 440 35.44 9.19 -25.51
C ASP A 440 35.42 8.60 -24.09
N TYR A 441 34.45 8.96 -23.24
CA TYR A 441 34.39 8.38 -21.87
C TYR A 441 34.40 6.85 -21.91
N HIS A 442 33.52 6.29 -22.74
CA HIS A 442 33.39 4.87 -22.81
C HIS A 442 34.57 4.15 -23.44
N GLN A 443 35.24 4.78 -24.37
CA GLN A 443 36.39 4.14 -24.99
C GLN A 443 37.46 3.92 -23.94
N LYS A 444 37.98 5.02 -23.40
CA LYS A 444 38.98 4.98 -22.36
C LYS A 444 38.62 3.98 -21.27
N HIS A 445 37.37 3.97 -20.85
CA HIS A 445 36.92 2.97 -19.89
C HIS A 445 37.10 1.54 -20.38
N LEU A 446 36.55 1.18 -21.53
CA LEU A 446 36.70 -0.17 -22.10
C LEU A 446 38.17 -0.54 -22.26
N ALA A 447 38.99 0.44 -22.64
CA ALA A 447 40.42 0.26 -22.74
C ALA A 447 41.01 -0.10 -21.37
N SER A 448 40.52 0.50 -20.30
CA SER A 448 41.00 0.06 -18.99
C SER A 448 40.49 -1.35 -18.64
N VAL A 449 39.27 -1.68 -19.05
CA VAL A 449 38.75 -3.04 -18.87
C VAL A 449 39.61 -4.04 -19.59
N ARG A 450 39.91 -3.81 -20.86
CA ARG A 450 40.73 -4.73 -21.63
C ARG A 450 42.06 -5.00 -20.94
N ASP A 451 42.65 -3.93 -20.42
CA ASP A 451 43.90 -3.99 -19.70
C ASP A 451 43.76 -4.78 -18.41
N ALA A 452 42.58 -4.76 -17.81
CA ALA A 452 42.37 -5.64 -16.68
C ALA A 452 42.30 -7.10 -17.12
N ILE A 453 41.69 -7.38 -18.27
CA ILE A 453 41.59 -8.76 -18.74
C ILE A 453 42.99 -9.27 -19.09
N ASP A 454 43.72 -8.47 -19.85
CA ASP A 454 45.10 -8.82 -20.24
C ASP A 454 46.00 -9.13 -19.07
N ASP A 455 45.88 -8.37 -17.99
CA ASP A 455 46.76 -8.57 -16.85
C ASP A 455 46.11 -9.52 -15.85
N GLY A 456 45.16 -10.34 -16.31
CA GLY A 456 44.76 -11.54 -15.56
C GLY A 456 43.31 -11.69 -15.18
N VAL A 457 42.66 -10.54 -14.94
CA VAL A 457 41.33 -10.46 -14.35
C VAL A 457 40.24 -10.98 -15.28
N ASN A 458 39.34 -11.80 -14.76
CA ASN A 458 38.29 -12.41 -15.58
C ASN A 458 36.95 -11.63 -15.67
N VAL A 459 36.97 -10.53 -16.42
CA VAL A 459 35.77 -9.76 -16.71
C VAL A 459 35.15 -10.33 -17.98
N LYS A 460 33.85 -10.53 -17.94
CA LYS A 460 33.13 -11.20 -19.00
C LYS A 460 32.15 -10.25 -19.68
N GLY A 461 31.95 -9.05 -19.12
CA GLY A 461 30.94 -8.15 -19.66
C GLY A 461 31.13 -6.67 -19.34
N TYR A 462 30.74 -5.82 -20.28
CA TYR A 462 30.61 -4.38 -20.05
C TYR A 462 29.18 -3.93 -20.33
N PHE A 463 28.59 -3.21 -19.38
CA PHE A 463 27.25 -2.76 -19.59
C PHE A 463 27.20 -1.24 -19.40
N VAL A 464 27.09 -0.53 -20.52
CA VAL A 464 26.83 0.91 -20.44
C VAL A 464 25.68 1.22 -19.45
N TRP A 465 25.86 2.23 -18.62
CA TRP A 465 24.73 2.86 -17.96
C TRP A 465 24.67 4.31 -18.43
N SER A 466 23.48 4.77 -18.84
CA SER A 466 22.30 3.94 -19.03
C SER A 466 21.93 3.88 -20.49
N PHE A 467 21.14 2.89 -20.87
CA PHE A 467 20.82 2.82 -22.26
C PHE A 467 20.15 4.11 -22.62
N PHE A 468 19.13 4.42 -21.82
CA PHE A 468 18.20 5.51 -22.04
C PHE A 468 18.50 6.54 -21.02
N ASP A 469 18.25 7.81 -21.34
CA ASP A 469 18.21 8.85 -20.34
C ASP A 469 17.03 8.51 -19.46
N ASN A 470 17.22 8.51 -18.15
CA ASN A 470 16.11 8.24 -17.24
C ASN A 470 16.08 9.09 -15.96
N PHE A 471 15.27 8.65 -15.00
CA PHE A 471 15.10 9.37 -13.75
C PHE A 471 16.26 8.99 -12.88
N GLU A 472 16.96 10.03 -12.38
CA GLU A 472 18.20 9.94 -11.61
C GLU A 472 18.03 10.26 -10.11
N TRP A 473 17.14 9.51 -9.47
CA TRP A 473 16.89 9.51 -8.03
C TRP A 473 16.73 10.91 -7.40
N ASN A 474 17.54 11.26 -6.40
CA ASN A 474 17.37 12.58 -5.77
C ASN A 474 17.73 13.76 -6.68
N LEU A 475 18.37 13.50 -7.81
CA LEU A 475 18.61 14.55 -8.82
C LEU A 475 17.48 14.65 -9.88
N GLY A 476 16.54 13.69 -9.84
CA GLY A 476 15.43 13.64 -10.81
C GLY A 476 15.89 13.81 -12.24
N TYR A 477 15.45 14.87 -12.91
CA TYR A 477 15.73 15.00 -14.36
C TYR A 477 16.71 16.11 -14.73
N ILE A 478 17.49 16.61 -13.76
CA ILE A 478 18.44 17.65 -14.05
C ILE A 478 19.67 17.14 -14.80
N CYS A 479 19.85 15.84 -14.93
CA CYS A 479 20.96 15.29 -15.71
C CYS A 479 20.58 14.07 -16.58
N ARG A 480 21.56 13.50 -17.26
CA ARG A 480 21.35 12.44 -18.25
C ARG A 480 22.56 11.52 -18.28
N TYR A 481 22.34 10.21 -18.42
CA TYR A 481 23.48 9.28 -18.51
C TYR A 481 23.54 8.49 -19.79
N GLY A 482 22.47 8.56 -20.56
CA GLY A 482 22.23 7.58 -21.61
C GLY A 482 22.93 7.74 -22.93
N ILE A 483 22.95 6.66 -23.70
CA ILE A 483 23.36 6.73 -25.09
C ILE A 483 22.13 7.00 -25.99
N ILE A 484 20.96 6.98 -25.39
CA ILE A 484 19.74 7.28 -26.14
C ILE A 484 19.01 8.41 -25.46
N HIS A 485 19.02 9.58 -26.07
CA HIS A 485 18.34 10.73 -25.51
C HIS A 485 16.85 10.43 -25.31
N VAL A 486 16.26 10.88 -24.23
CA VAL A 486 14.81 10.83 -24.15
C VAL A 486 14.35 12.21 -23.77
N ASP A 487 13.30 12.68 -24.41
CA ASP A 487 12.71 13.98 -24.02
C ASP A 487 11.80 13.77 -22.80
N TYR A 488 12.20 14.27 -21.63
CA TYR A 488 11.49 13.89 -20.39
C TYR A 488 10.00 14.17 -20.34
N LYS A 489 9.53 15.06 -21.21
CA LYS A 489 8.13 15.39 -21.27
C LYS A 489 7.39 14.46 -22.26
N SER A 490 7.79 14.49 -23.54
CA SER A 490 7.11 13.72 -24.58
C SER A 490 7.51 12.24 -24.63
N PHE A 491 8.59 11.89 -23.94
CA PHE A 491 9.14 10.53 -23.95
C PHE A 491 9.77 10.08 -25.28
N GLU A 492 9.90 11.01 -26.23
CA GLU A 492 10.44 10.70 -27.56
C GLU A 492 11.89 10.30 -27.39
N ARG A 493 12.35 9.36 -28.23
CA ARG A 493 13.69 8.78 -28.12
C ARG A 493 14.47 8.98 -29.39
N TYR A 494 15.64 9.58 -29.29
CA TYR A 494 16.48 9.72 -30.46
C TYR A 494 17.87 9.36 -29.99
N PRO A 495 18.63 8.56 -30.80
CA PRO A 495 19.98 8.11 -30.43
C PRO A 495 20.98 9.23 -30.39
N LYS A 496 21.82 9.25 -29.36
CA LYS A 496 22.95 10.16 -29.29
C LYS A 496 24.03 9.60 -30.22
N GLU A 497 25.16 10.31 -30.36
CA GLU A 497 26.28 9.83 -31.15
C GLU A 497 26.96 8.60 -30.53
N SER A 498 27.09 8.61 -29.20
CA SER A 498 27.64 7.50 -28.44
C SER A 498 26.92 6.23 -28.74
N ALA A 499 25.61 6.30 -28.86
CA ALA A 499 24.85 5.11 -29.29
C ALA A 499 25.28 4.61 -30.68
N ILE A 500 25.51 5.54 -31.60
CA ILE A 500 25.89 5.15 -32.92
C ILE A 500 27.32 4.63 -32.94
N TRP A 501 28.15 5.12 -32.03
CA TRP A 501 29.52 4.63 -31.87
C TRP A 501 29.44 3.19 -31.40
N TYR A 502 28.80 2.96 -30.25
CA TYR A 502 28.67 1.64 -29.66
C TYR A 502 28.07 0.63 -30.64
N LYS A 503 27.12 1.04 -31.49
CA LYS A 503 26.59 0.17 -32.52
C LYS A 503 27.68 -0.39 -33.43
N ASN A 504 28.64 0.44 -33.80
CA ASN A 504 29.79 0.05 -34.62
C ASN A 504 30.73 -0.79 -33.79
N PHE A 505 31.05 -0.31 -32.58
CA PHE A 505 31.98 -1.00 -31.72
C PHE A 505 31.54 -2.41 -31.44
N ILE A 506 30.29 -2.62 -31.08
CA ILE A 506 29.82 -3.97 -30.82
C ILE A 506 29.97 -4.88 -32.03
N ALA A 507 30.08 -4.30 -33.23
CA ALA A 507 29.95 -5.05 -34.46
C ALA A 507 31.26 -5.28 -35.19
N GLY A 508 32.40 -5.10 -34.49
CA GLY A 508 33.74 -5.06 -35.11
C GLY A 508 34.41 -6.37 -35.56
N LYS A 509 34.21 -7.44 -34.78
CA LYS A 509 34.80 -8.78 -35.13
C LYS A 509 33.74 -9.93 -35.04
N VAL B 38 -49.75 -4.61 7.34
CA VAL B 38 -49.02 -3.31 7.04
C VAL B 38 -48.73 -2.99 5.54
N HIS B 39 -49.39 -1.95 5.02
CA HIS B 39 -49.31 -1.61 3.58
C HIS B 39 -48.56 -0.29 3.31
N ARG B 40 -48.29 0.00 2.03
CA ARG B 40 -47.52 1.21 1.68
C ARG B 40 -48.16 2.46 2.22
N ARG B 41 -49.45 2.63 1.98
CA ARG B 41 -50.12 3.87 2.25
C ARG B 41 -50.10 4.26 3.74
N ASP B 42 -49.66 3.36 4.63
CA ASP B 42 -49.62 3.69 6.07
C ASP B 42 -48.40 4.55 6.40
N PHE B 43 -47.78 5.06 5.36
CA PHE B 43 -46.55 5.80 5.48
C PHE B 43 -46.74 7.06 4.69
N PRO B 44 -46.10 8.15 5.15
CA PRO B 44 -46.05 9.46 4.47
C PRO B 44 -45.77 9.32 2.97
N GLN B 45 -46.22 10.25 2.15
CA GLN B 45 -45.96 10.09 0.73
C GLN B 45 -44.48 10.10 0.43
N ASP B 46 -43.73 10.94 1.15
CA ASP B 46 -42.38 11.19 0.74
C ASP B 46 -41.33 10.23 1.39
N PHE B 47 -41.75 9.46 2.40
CA PHE B 47 -40.94 8.29 2.91
C PHE B 47 -40.27 7.55 1.75
N ILE B 48 -39.04 7.07 1.94
CA ILE B 48 -38.26 6.44 0.88
C ILE B 48 -38.01 5.00 1.24
N PHE B 49 -38.19 4.08 0.27
CA PHE B 49 -37.85 2.65 0.53
C PHE B 49 -36.67 2.10 -0.26
N GLY B 50 -35.78 1.40 0.40
CA GLY B 50 -34.60 0.90 -0.30
C GLY B 50 -33.89 -0.22 0.40
N ALA B 51 -32.70 -0.54 -0.10
CA ALA B 51 -31.85 -1.56 0.49
C ALA B 51 -30.39 -1.11 0.38
N GLY B 52 -29.45 -1.87 0.91
CA GLY B 52 -28.07 -1.46 0.79
C GLY B 52 -27.06 -2.56 0.63
N GLY B 53 -25.84 -2.15 0.31
CA GLY B 53 -24.65 -3.00 0.33
C GLY B 53 -23.56 -2.08 0.89
N SER B 54 -22.32 -2.54 0.82
CA SER B 54 -21.20 -1.68 1.15
C SER B 54 -20.00 -2.18 0.40
N ALA B 55 -19.20 -1.24 -0.10
CA ALA B 55 -17.98 -1.53 -0.89
C ALA B 55 -17.27 -2.84 -0.65
N TYR B 56 -16.77 -3.08 0.56
CA TYR B 56 -15.81 -4.19 0.72
C TYR B 56 -16.55 -5.49 0.64
N GLN B 57 -17.79 -5.42 1.11
CA GLN B 57 -18.64 -6.59 1.24
C GLN B 57 -19.27 -7.04 -0.05
N CYS B 58 -19.12 -6.25 -1.11
CA CYS B 58 -19.86 -6.51 -2.32
C CYS B 58 -18.98 -6.42 -3.52
N GLU B 59 -18.15 -5.37 -3.59
CA GLU B 59 -17.42 -5.09 -4.82
C GLU B 59 -16.50 -6.19 -5.29
N GLY B 60 -15.80 -6.86 -4.38
CA GLY B 60 -14.66 -7.66 -4.79
C GLY B 60 -13.73 -6.85 -5.71
N ALA B 61 -12.99 -7.52 -6.57
CA ALA B 61 -12.04 -6.87 -7.47
C ALA B 61 -11.02 -6.07 -6.68
N TYR B 62 -10.58 -6.70 -5.59
CA TYR B 62 -9.79 -5.99 -4.61
C TYR B 62 -8.48 -5.46 -5.22
N ASN B 63 -7.99 -6.14 -6.27
CA ASN B 63 -6.66 -5.94 -6.88
C ASN B 63 -6.76 -5.64 -8.39
N GLU B 64 -7.95 -5.15 -8.79
CA GLU B 64 -8.24 -4.79 -10.18
C GLU B 64 -8.56 -3.31 -10.17
N GLY B 65 -8.40 -2.64 -11.31
CA GLY B 65 -8.79 -1.24 -11.40
C GLY B 65 -7.96 -0.35 -10.46
N ASN B 66 -6.75 -0.79 -10.18
CA ASN B 66 -5.79 -0.03 -9.39
C ASN B 66 -6.21 0.33 -7.94
N ARG B 67 -7.20 -0.38 -7.40
CA ARG B 67 -7.60 -0.14 -6.00
C ARG B 67 -6.47 -0.43 -5.03
N GLY B 68 -6.33 0.41 -4.03
CA GLY B 68 -5.40 0.13 -2.98
C GLY B 68 -6.01 -0.62 -1.79
N PRO B 69 -5.20 -1.50 -1.17
CA PRO B 69 -5.64 -2.30 -0.04
C PRO B 69 -6.27 -1.48 1.07
N SER B 70 -7.32 -2.06 1.68
CA SER B 70 -7.97 -1.55 2.91
C SER B 70 -7.46 -2.33 4.12
N ILE B 71 -7.65 -1.80 5.32
CA ILE B 71 -7.27 -2.57 6.51
C ILE B 71 -7.95 -3.94 6.51
N TRP B 72 -9.10 -4.01 5.84
CA TRP B 72 -9.87 -5.25 5.78
C TRP B 72 -9.31 -6.25 4.80
N ASP B 73 -8.70 -5.79 3.70
CA ASP B 73 -7.98 -6.75 2.86
C ASP B 73 -6.90 -7.43 3.67
N THR B 74 -5.98 -6.62 4.14
CA THR B 74 -4.98 -6.94 5.15
C THR B 74 -5.42 -7.86 6.29
N PHE B 75 -6.45 -7.46 7.03
CA PHE B 75 -6.97 -8.27 8.12
C PHE B 75 -7.25 -9.71 7.69
N THR B 76 -7.94 -9.88 6.56
CA THR B 76 -8.47 -11.20 6.18
C THR B 76 -7.41 -12.00 5.48
N GLN B 77 -6.46 -11.28 4.91
CA GLN B 77 -5.34 -11.89 4.24
C GLN B 77 -4.25 -12.30 5.22
N ARG B 78 -3.88 -11.43 6.14
CA ARG B 78 -2.82 -11.76 7.07
C ARG B 78 -3.33 -12.59 8.24
N SER B 79 -4.62 -12.51 8.55
CA SER B 79 -5.16 -13.14 9.75
C SER B 79 -6.37 -13.97 9.38
N PRO B 80 -6.18 -14.92 8.45
CA PRO B 80 -7.36 -15.61 7.95
C PRO B 80 -8.07 -16.37 9.06
N ALA B 81 -7.40 -16.66 10.19
CA ALA B 81 -8.01 -17.44 11.25
C ALA B 81 -8.96 -16.64 12.11
N LYS B 82 -9.03 -15.33 11.89
CA LYS B 82 -9.96 -14.49 12.65
C LYS B 82 -11.31 -14.39 11.94
N ILE B 83 -11.41 -15.07 10.81
CA ILE B 83 -12.61 -15.11 10.00
C ILE B 83 -13.14 -16.48 10.19
N SER B 84 -14.40 -16.53 10.58
CA SER B 84 -15.10 -17.77 10.83
C SER B 84 -14.69 -18.91 9.90
N ASP B 85 -14.62 -18.63 8.60
CA ASP B 85 -14.34 -19.65 7.62
C ASP B 85 -13.10 -19.43 6.79
N GLY B 86 -12.34 -18.37 7.07
CA GLY B 86 -11.05 -18.10 6.37
C GLY B 86 -11.16 -17.13 5.21
N SER B 87 -12.39 -16.90 4.79
CA SER B 87 -12.72 -16.20 3.57
C SER B 87 -12.46 -14.69 3.68
N ASN B 88 -12.79 -13.96 2.62
CA ASN B 88 -12.34 -12.59 2.46
C ASN B 88 -13.14 -11.83 1.41
N GLY B 89 -12.83 -10.55 1.22
CA GLY B 89 -13.55 -9.75 0.27
C GLY B 89 -12.91 -9.61 -1.08
N ASN B 90 -11.91 -10.45 -1.36
CA ASN B 90 -11.23 -10.43 -2.64
C ASN B 90 -12.23 -10.44 -3.77
N GLN B 91 -13.12 -11.44 -3.78
CA GLN B 91 -14.22 -11.41 -4.72
C GLN B 91 -15.53 -10.97 -4.08
N ALA B 92 -15.68 -11.21 -2.78
CA ALA B 92 -16.96 -10.91 -2.16
C ALA B 92 -18.04 -11.50 -3.09
N ILE B 93 -18.94 -10.66 -3.60
CA ILE B 93 -19.95 -11.11 -4.56
C ILE B 93 -19.77 -10.46 -5.93
N ASN B 94 -18.71 -9.67 -6.09
CA ASN B 94 -18.24 -9.27 -7.41
C ASN B 94 -19.03 -8.13 -8.06
N CYS B 95 -19.55 -7.17 -7.29
CA CYS B 95 -20.36 -6.09 -7.88
C CYS B 95 -19.62 -5.25 -8.86
N TYR B 96 -18.30 -5.20 -8.74
CA TYR B 96 -17.56 -4.26 -9.54
C TYR B 96 -17.63 -4.66 -11.01
N HIS B 97 -17.92 -5.94 -11.27
CA HIS B 97 -18.00 -6.41 -12.65
C HIS B 97 -19.40 -6.66 -13.04
N MET B 98 -20.34 -6.50 -12.12
CA MET B 98 -21.70 -6.94 -12.37
C MET B 98 -22.71 -5.84 -12.05
N TYR B 99 -22.26 -4.59 -12.10
CA TYR B 99 -23.13 -3.55 -11.59
C TYR B 99 -24.38 -3.44 -12.44
N LYS B 100 -24.21 -3.42 -13.77
CA LYS B 100 -25.35 -3.27 -14.66
C LYS B 100 -26.42 -4.31 -14.41
N GLU B 101 -26.00 -5.52 -14.07
CA GLU B 101 -26.98 -6.56 -13.71
C GLU B 101 -27.65 -6.29 -12.38
N ASP B 102 -26.85 -5.97 -11.34
CA ASP B 102 -27.37 -5.64 -10.01
C ASP B 102 -28.46 -4.54 -10.04
N ILE B 103 -28.16 -3.47 -10.78
CA ILE B 103 -29.09 -2.37 -10.97
C ILE B 103 -30.36 -2.77 -11.70
N LYS B 104 -30.30 -3.74 -12.62
CA LYS B 104 -31.53 -4.34 -13.18
C LYS B 104 -32.35 -4.98 -12.04
N ILE B 105 -31.67 -5.72 -11.18
CA ILE B 105 -32.32 -6.46 -10.12
C ILE B 105 -32.87 -5.54 -9.06
N MET B 106 -32.18 -4.44 -8.78
CA MET B 106 -32.74 -3.40 -7.92
C MET B 106 -34.12 -2.97 -8.46
N LYS B 107 -34.14 -2.66 -9.75
CA LYS B 107 -35.31 -2.09 -10.38
C LYS B 107 -36.40 -3.09 -10.53
N GLN B 108 -36.06 -4.36 -10.70
CA GLN B 108 -37.07 -5.42 -10.74
C GLN B 108 -37.83 -5.48 -9.42
N THR B 109 -37.14 -5.07 -8.35
CA THR B 109 -37.70 -5.00 -7.02
C THR B 109 -38.40 -3.66 -6.75
N GLY B 110 -38.00 -2.60 -7.45
CA GLY B 110 -38.68 -1.32 -7.35
C GLY B 110 -38.06 -0.39 -6.34
N LEU B 111 -36.94 -0.80 -5.76
CA LEU B 111 -36.10 0.05 -4.94
C LEU B 111 -36.17 1.54 -5.31
N GLU B 112 -36.43 2.36 -4.33
CA GLU B 112 -36.56 3.77 -4.59
C GLU B 112 -35.20 4.47 -4.49
N SER B 113 -34.34 3.90 -3.65
CA SER B 113 -32.97 4.36 -3.43
C SER B 113 -32.18 3.14 -3.04
N TYR B 114 -30.87 3.17 -3.31
CA TYR B 114 -29.95 2.14 -2.86
C TYR B 114 -28.78 2.81 -2.13
N ARG B 115 -28.40 2.27 -0.98
CA ARG B 115 -27.26 2.74 -0.23
C ARG B 115 -26.01 1.90 -0.49
N PHE B 116 -24.98 2.56 -1.00
CA PHE B 116 -23.68 1.92 -1.20
C PHE B 116 -22.56 2.77 -0.58
N SER B 117 -21.36 2.18 -0.52
CA SER B 117 -20.19 2.76 0.13
C SER B 117 -19.12 2.99 -0.92
N ILE B 118 -18.35 4.09 -0.84
CA ILE B 118 -17.20 4.28 -1.74
C ILE B 118 -15.94 3.73 -1.05
N SER B 119 -15.26 2.74 -1.67
CA SER B 119 -13.98 2.26 -1.19
C SER B 119 -13.03 3.42 -1.24
N TRP B 120 -12.69 3.94 -0.05
CA TRP B 120 -11.83 5.12 0.09
C TRP B 120 -10.65 4.84 -0.77
N SER B 121 -10.18 3.63 -0.68
CA SER B 121 -8.91 3.25 -1.23
C SER B 121 -8.99 2.82 -2.67
N ARG B 122 -10.17 2.92 -3.28
CA ARG B 122 -10.29 2.63 -4.72
C ARG B 122 -10.18 3.93 -5.51
N VAL B 123 -10.53 5.04 -4.88
CA VAL B 123 -10.45 6.28 -5.58
C VAL B 123 -9.12 6.93 -5.21
N LEU B 124 -8.57 6.56 -4.05
CA LEU B 124 -7.28 7.09 -3.60
C LEU B 124 -6.47 5.93 -3.01
N PRO B 125 -5.73 5.19 -3.89
CA PRO B 125 -4.99 4.00 -3.53
C PRO B 125 -4.14 4.16 -2.30
N GLY B 126 -3.52 5.30 -2.14
CA GLY B 126 -2.68 5.49 -0.99
C GLY B 126 -3.22 6.40 0.09
N GLY B 127 -4.52 6.71 0.03
CA GLY B 127 -5.19 7.49 1.09
C GLY B 127 -5.09 9.01 1.00
N ARG B 128 -3.87 9.54 0.91
CA ARG B 128 -3.65 10.99 0.83
C ARG B 128 -3.71 11.40 -0.62
N LEU B 129 -3.79 12.70 -0.90
CA LEU B 129 -3.87 13.16 -2.28
C LEU B 129 -2.57 12.92 -3.01
N ALA B 130 -1.45 13.03 -2.32
CA ALA B 130 -0.11 12.82 -2.92
C ALA B 130 0.11 11.47 -3.64
N ALA B 131 -0.64 10.45 -3.26
CA ALA B 131 -0.49 9.09 -3.82
C ALA B 131 -1.18 9.01 -5.21
N GLY B 132 -2.05 9.98 -5.44
CA GLY B 132 -2.68 10.14 -6.72
C GLY B 132 -4.13 9.74 -6.65
N VAL B 133 -4.87 10.14 -7.68
CA VAL B 133 -6.27 9.85 -7.75
C VAL B 133 -6.32 8.75 -8.76
N ASN B 134 -6.86 7.58 -8.40
CA ASN B 134 -7.09 6.46 -9.35
C ASN B 134 -8.24 6.70 -10.31
N LYS B 135 -7.94 6.95 -11.58
CA LYS B 135 -8.99 7.27 -12.55
C LYS B 135 -9.94 6.13 -12.86
N ASP B 136 -9.41 4.92 -12.94
CA ASP B 136 -10.23 3.72 -13.00
C ASP B 136 -11.33 3.64 -11.91
N GLY B 137 -10.96 3.88 -10.66
CA GLY B 137 -11.88 3.85 -9.54
C GLY B 137 -12.94 4.91 -9.68
N VAL B 138 -12.51 6.15 -9.94
CA VAL B 138 -13.39 7.29 -10.23
C VAL B 138 -14.36 6.95 -11.34
N LYS B 139 -13.93 6.26 -12.40
CA LYS B 139 -14.85 5.89 -13.51
C LYS B 139 -15.95 4.94 -13.06
N PHE B 140 -15.55 3.90 -12.32
CA PHE B 140 -16.47 2.96 -11.79
C PHE B 140 -17.62 3.66 -11.08
N TYR B 141 -17.32 4.54 -10.14
CA TYR B 141 -18.41 5.08 -9.32
C TYR B 141 -19.33 5.92 -10.17
N HIS B 142 -18.75 6.63 -11.13
CA HIS B 142 -19.53 7.42 -12.09
C HIS B 142 -20.40 6.50 -12.91
N ASP B 143 -19.81 5.42 -13.42
CA ASP B 143 -20.57 4.52 -14.25
C ASP B 143 -21.80 4.03 -13.44
N PHE B 144 -21.48 3.59 -12.20
CA PHE B 144 -22.40 2.98 -11.26
C PHE B 144 -23.54 3.93 -10.95
N ILE B 145 -23.18 5.16 -10.57
CA ILE B 145 -24.14 6.24 -10.29
C ILE B 145 -25.05 6.55 -11.49
N ASP B 146 -24.47 6.78 -12.66
CA ASP B 146 -25.27 7.11 -13.82
C ASP B 146 -26.15 5.94 -14.13
N GLU B 147 -25.62 4.73 -13.96
CA GLU B 147 -26.48 3.55 -14.14
C GLU B 147 -27.67 3.56 -13.19
N LEU B 148 -27.44 3.75 -11.89
CA LEU B 148 -28.52 3.93 -10.94
C LEU B 148 -29.57 4.97 -11.40
N LEU B 149 -29.09 6.19 -11.67
CA LEU B 149 -29.99 7.27 -12.07
C LEU B 149 -30.70 6.98 -13.37
N ALA B 150 -30.02 6.37 -14.33
CA ALA B 150 -30.64 5.99 -15.57
C ALA B 150 -31.80 5.01 -15.32
N ASN B 151 -31.80 4.38 -14.15
CA ASN B 151 -32.81 3.37 -13.84
C ASN B 151 -33.91 3.84 -12.88
N GLY B 152 -33.92 5.13 -12.56
CA GLY B 152 -34.86 5.71 -11.61
C GLY B 152 -34.47 5.45 -10.16
N ILE B 153 -33.27 4.95 -9.91
CA ILE B 153 -32.91 4.71 -8.51
C ILE B 153 -31.99 5.79 -7.88
N LYS B 154 -32.30 6.21 -6.65
CA LYS B 154 -31.56 7.30 -6.03
C LYS B 154 -30.32 6.88 -5.27
N PRO B 155 -29.16 7.34 -5.73
CA PRO B 155 -27.87 6.92 -5.18
C PRO B 155 -27.64 7.56 -3.80
N SER B 156 -27.06 6.78 -2.87
CA SER B 156 -26.94 7.21 -1.50
C SER B 156 -25.67 6.63 -0.88
N VAL B 157 -24.74 7.54 -0.57
CA VAL B 157 -23.32 7.23 -0.53
C VAL B 157 -22.69 7.37 0.84
N THR B 158 -22.14 6.28 1.38
CA THR B 158 -21.48 6.31 2.67
C THR B 158 -20.04 6.58 2.32
N LEU B 159 -19.36 7.46 3.08
CA LEU B 159 -17.99 7.79 2.73
C LEU B 159 -17.05 6.76 3.31
N PHE B 160 -17.32 6.37 4.55
CA PHE B 160 -16.49 5.40 5.24
C PHE B 160 -17.31 4.20 5.78
N HIS B 161 -17.09 3.01 5.21
CA HIS B 161 -17.69 1.81 5.75
C HIS B 161 -16.60 0.83 6.16
N TRP B 162 -15.70 1.30 7.04
CA TRP B 162 -14.63 0.50 7.69
C TRP B 162 -13.47 0.08 6.77
N ASP B 163 -13.57 0.38 5.45
CA ASP B 163 -12.47 0.02 4.55
C ASP B 163 -11.44 1.13 4.33
N LEU B 164 -10.76 1.49 5.43
CA LEU B 164 -9.68 2.45 5.48
C LEU B 164 -8.46 2.06 4.63
N PRO B 165 -7.93 3.02 3.86
CA PRO B 165 -6.71 2.66 3.16
C PRO B 165 -5.67 2.13 4.16
N GLN B 166 -5.12 0.96 3.86
CA GLN B 166 -3.97 0.48 4.63
C GLN B 166 -2.85 1.55 4.68
N ALA B 167 -2.62 2.22 3.54
CA ALA B 167 -1.56 3.20 3.46
C ALA B 167 -1.55 4.18 4.65
N LEU B 168 -2.77 4.59 5.09
CA LEU B 168 -2.95 5.48 6.26
C LEU B 168 -2.89 4.77 7.61
N GLU B 169 -3.56 3.61 7.68
CA GLU B 169 -3.47 2.77 8.87
C GLU B 169 -2.00 2.63 9.26
N ASP B 170 -1.16 2.21 8.30
CA ASP B 170 0.30 2.08 8.49
C ASP B 170 1.06 3.40 8.81
N GLU B 171 0.91 4.44 7.99
CA GLU B 171 1.69 5.68 8.16
C GLU B 171 1.63 6.31 9.52
N TYR B 172 0.41 6.54 10.04
CA TYR B 172 0.23 7.16 11.34
C TYR B 172 -0.75 6.51 12.28
N GLY B 173 -1.12 5.26 11.99
CA GLY B 173 -1.97 4.47 12.90
C GLY B 173 -3.46 4.53 12.64
N GLY B 174 -3.83 5.07 11.48
CA GLY B 174 -5.23 5.19 11.12
C GLY B 174 -5.96 6.13 12.05
N PHE B 175 -7.07 5.68 12.61
CA PHE B 175 -7.87 6.55 13.49
C PHE B 175 -7.30 6.76 14.91
N LEU B 176 -6.09 6.30 15.18
CA LEU B 176 -5.45 6.60 16.47
C LEU B 176 -4.81 7.99 16.44
N SER B 177 -4.80 8.58 15.25
CA SER B 177 -4.11 9.82 15.05
C SER B 177 -5.01 10.95 14.61
N HIS B 178 -4.64 12.16 15.03
CA HIS B 178 -5.39 13.32 14.58
C HIS B 178 -5.13 13.61 13.09
N ARG B 179 -4.08 13.01 12.56
CA ARG B 179 -3.74 13.24 11.18
C ARG B 179 -4.88 12.75 10.28
N ILE B 180 -5.71 11.84 10.82
CA ILE B 180 -6.75 11.24 10.02
C ILE B 180 -7.75 12.30 9.60
N VAL B 181 -7.97 13.29 10.47
CA VAL B 181 -9.01 14.29 10.24
C VAL B 181 -8.86 15.00 8.88
N ASP B 182 -7.69 15.58 8.62
CA ASP B 182 -7.53 16.31 7.36
C ASP B 182 -7.60 15.42 6.11
N ASP B 183 -6.90 14.28 6.14
CA ASP B 183 -6.95 13.35 5.02
C ASP B 183 -8.39 12.93 4.68
N PHE B 184 -9.18 12.63 5.72
CA PHE B 184 -10.59 12.32 5.53
C PHE B 184 -11.36 13.49 4.97
N CYS B 185 -10.96 14.69 5.36
CA CYS B 185 -11.54 15.89 4.83
C CYS B 185 -11.30 16.00 3.34
N GLU B 186 -10.05 15.75 2.94
CA GLU B 186 -9.62 15.85 1.55
C GLU B 186 -10.29 14.80 0.66
N TYR B 187 -10.52 13.62 1.23
CA TYR B 187 -11.22 12.50 0.62
C TYR B 187 -12.65 12.93 0.45
N ALA B 188 -13.23 13.39 1.54
CA ALA B 188 -14.59 13.90 1.50
C ALA B 188 -14.77 14.96 0.40
N GLU B 189 -13.98 16.03 0.47
CA GLU B 189 -14.08 17.14 -0.53
C GLU B 189 -13.95 16.62 -1.91
N PHE B 190 -13.00 15.71 -2.13
CA PHE B 190 -12.78 15.16 -3.45
C PHE B 190 -14.11 14.57 -3.96
N CYS B 191 -14.69 13.65 -3.18
CA CYS B 191 -15.91 12.93 -3.57
C CYS B 191 -17.03 13.89 -3.85
N PHE B 192 -17.21 14.91 -3.01
CA PHE B 192 -18.32 15.85 -3.15
C PHE B 192 -18.23 16.49 -4.52
N TRP B 193 -17.05 17.06 -4.77
CA TRP B 193 -16.69 17.64 -6.05
C TRP B 193 -16.93 16.64 -7.18
N GLU B 194 -16.31 15.48 -7.09
CA GLU B 194 -16.29 14.59 -8.20
C GLU B 194 -17.67 14.07 -8.48
N PHE B 195 -18.41 13.66 -7.45
CA PHE B 195 -19.64 12.90 -7.64
C PHE B 195 -20.94 13.61 -7.28
N GLY B 196 -20.83 14.63 -6.43
CA GLY B 196 -21.96 15.23 -5.73
C GLY B 196 -23.05 15.92 -6.55
N ASP B 197 -22.74 16.36 -7.77
CA ASP B 197 -23.77 16.95 -8.63
C ASP B 197 -24.87 15.94 -8.93
N LYS B 198 -24.81 14.79 -8.28
CA LYS B 198 -25.76 13.74 -8.56
C LYS B 198 -26.11 12.97 -7.30
N ILE B 199 -25.46 13.30 -6.19
CA ILE B 199 -25.77 12.63 -4.93
C ILE B 199 -26.52 13.60 -4.05
N LYS B 200 -27.68 13.16 -3.54
CA LYS B 200 -28.45 13.96 -2.57
C LYS B 200 -28.27 13.51 -1.13
N TYR B 201 -27.60 12.38 -0.95
CA TYR B 201 -27.54 11.65 0.33
C TYR B 201 -26.14 11.16 0.63
N TRP B 202 -25.54 11.88 1.56
CA TRP B 202 -24.18 11.62 1.96
C TRP B 202 -24.20 11.15 3.41
N THR B 203 -23.52 10.05 3.69
CA THR B 203 -23.32 9.59 5.07
C THR B 203 -21.82 9.57 5.35
N THR B 204 -21.36 10.16 6.46
CA THR B 204 -19.92 10.18 6.69
C THR B 204 -19.39 8.85 7.21
N PHE B 205 -19.99 8.37 8.29
CA PHE B 205 -19.55 7.11 8.91
C PHE B 205 -20.69 6.13 9.06
N ASN B 206 -20.38 4.88 8.84
CA ASN B 206 -21.32 3.83 9.14
C ASN B 206 -20.92 3.06 10.44
N GLU B 207 -21.78 3.13 11.44
CA GLU B 207 -21.52 2.39 12.66
C GLU B 207 -20.11 2.64 13.19
N PRO B 208 -19.73 3.90 13.37
CA PRO B 208 -18.48 4.10 14.07
C PRO B 208 -18.41 3.34 15.40
N HIS B 209 -19.54 3.13 16.08
CA HIS B 209 -19.51 2.27 17.27
C HIS B 209 -18.88 0.87 16.97
N THR B 210 -19.39 0.20 15.95
CA THR B 210 -18.93 -1.15 15.62
C THR B 210 -17.45 -1.18 15.15
N PHE B 211 -17.15 -0.31 14.18
CA PHE B 211 -15.79 -0.08 13.73
C PHE B 211 -14.83 0.10 14.89
N ALA B 212 -15.15 0.99 15.83
CA ALA B 212 -14.26 1.25 16.98
C ALA B 212 -14.23 0.14 18.03
N VAL B 213 -15.38 -0.41 18.38
CA VAL B 213 -15.42 -1.41 19.46
C VAL B 213 -14.86 -2.76 18.97
N ASN B 214 -15.27 -3.20 17.78
CA ASN B 214 -14.77 -4.48 17.34
C ASN B 214 -13.30 -4.40 16.95
N GLY B 215 -12.90 -3.18 16.57
CA GLY B 215 -11.63 -2.90 15.93
C GLY B 215 -10.56 -2.68 16.95
N TYR B 216 -10.88 -1.90 17.97
CA TYR B 216 -9.87 -1.55 18.96
C TYR B 216 -10.11 -1.97 20.43
N ALA B 217 -11.10 -2.83 20.65
CA ALA B 217 -11.50 -3.30 22.00
C ALA B 217 -11.61 -4.82 22.04
N LEU B 218 -12.22 -5.43 21.02
CA LEU B 218 -12.33 -6.91 20.96
C LEU B 218 -11.30 -7.58 20.05
N GLY B 219 -10.57 -6.76 19.29
CA GLY B 219 -9.71 -7.22 18.20
C GLY B 219 -10.36 -8.14 17.18
N GLU B 220 -11.64 -7.91 16.87
CA GLU B 220 -12.41 -8.88 16.10
C GLU B 220 -12.58 -8.53 14.61
N PHE B 221 -12.43 -7.25 14.32
CA PHE B 221 -12.61 -6.69 12.99
C PHE B 221 -11.33 -6.00 12.81
N ALA B 222 -11.08 -5.52 11.59
CA ALA B 222 -9.88 -4.69 11.26
C ALA B 222 -9.72 -3.53 12.24
N PRO B 223 -8.49 -3.19 12.67
CA PRO B 223 -7.18 -3.76 12.44
C PRO B 223 -6.83 -4.88 13.39
N GLY B 224 -7.70 -5.16 14.37
CA GLY B 224 -7.56 -6.37 15.17
C GLY B 224 -6.83 -6.04 16.42
N ARG B 225 -7.19 -4.93 17.03
CA ARG B 225 -6.42 -4.48 18.17
C ARG B 225 -7.21 -4.54 19.48
N GLY B 226 -6.54 -4.76 20.60
CA GLY B 226 -7.25 -4.76 21.87
C GLY B 226 -7.62 -6.04 22.59
N GLY B 227 -8.22 -7.03 21.92
CA GLY B 227 -8.51 -8.35 22.53
C GLY B 227 -7.31 -9.19 22.96
N LYS B 228 -7.50 -10.17 23.87
CA LYS B 228 -6.35 -10.94 24.44
C LYS B 228 -5.38 -11.47 23.37
N GLY B 229 -4.08 -11.29 23.63
CA GLY B 229 -3.06 -11.64 22.67
C GLY B 229 -2.98 -10.69 21.47
N ASP B 230 -3.80 -9.65 21.46
CA ASP B 230 -3.75 -8.67 20.36
C ASP B 230 -2.80 -7.54 20.67
N GLU B 231 -2.98 -6.39 20.04
CA GLU B 231 -1.93 -5.42 20.03
C GLU B 231 -2.17 -4.11 20.75
N GLY B 232 -3.40 -3.59 20.73
CA GLY B 232 -3.62 -2.29 21.36
C GLY B 232 -3.77 -2.25 22.88
N ASP B 233 -4.67 -1.39 23.33
CA ASP B 233 -5.02 -1.28 24.74
C ASP B 233 -6.52 -1.04 24.79
N PRO B 234 -7.26 -2.06 25.23
CA PRO B 234 -8.71 -2.01 25.09
C PRO B 234 -9.33 -0.96 26.01
N ALA B 235 -8.50 -0.36 26.85
CA ALA B 235 -8.98 0.63 27.75
C ALA B 235 -8.81 2.00 27.13
N ILE B 236 -7.82 2.14 26.27
CA ILE B 236 -7.52 3.47 25.70
C ILE B 236 -8.05 3.64 24.29
N GLU B 237 -7.73 2.71 23.40
CA GLU B 237 -7.92 3.02 21.97
C GLU B 237 -9.34 3.32 21.48
N PRO B 238 -10.31 2.51 21.86
CA PRO B 238 -11.67 2.80 21.35
C PRO B 238 -12.07 4.26 21.54
N TYR B 239 -11.74 4.81 22.70
CA TYR B 239 -12.05 6.22 22.97
C TYR B 239 -11.34 7.16 22.02
N VAL B 240 -10.10 6.85 21.67
CA VAL B 240 -9.27 7.72 20.87
C VAL B 240 -9.81 7.77 19.47
N VAL B 241 -10.24 6.59 19.02
CA VAL B 241 -10.75 6.37 17.68
C VAL B 241 -12.07 7.13 17.54
N THR B 242 -13.05 6.79 18.35
CA THR B 242 -14.30 7.55 18.37
C THR B 242 -14.07 9.04 18.43
N HIS B 243 -13.16 9.47 19.28
CA HIS B 243 -12.85 10.87 19.36
C HIS B 243 -12.41 11.46 18.00
N ASN B 244 -11.48 10.78 17.34
CA ASN B 244 -11.05 11.22 16.01
C ASN B 244 -12.11 11.04 14.91
N ILE B 245 -12.95 10.01 15.05
CA ILE B 245 -13.99 9.78 14.07
C ILE B 245 -14.98 10.93 14.13
N LEU B 246 -15.23 11.42 15.33
CA LEU B 246 -16.25 12.45 15.45
C LEU B 246 -15.64 13.69 14.87
N LEU B 247 -14.35 13.88 15.07
CA LEU B 247 -13.70 15.06 14.52
C LEU B 247 -13.57 14.94 12.99
N ALA B 248 -13.30 13.74 12.50
CA ALA B 248 -13.41 13.47 11.07
C ALA B 248 -14.79 13.87 10.59
N HIS B 249 -15.79 13.21 11.16
CA HIS B 249 -17.16 13.51 10.82
C HIS B 249 -17.42 15.01 10.75
N LYS B 250 -17.08 15.71 11.84
CA LYS B 250 -17.22 17.17 11.89
C LYS B 250 -16.57 17.83 10.68
N ALA B 251 -15.31 17.50 10.41
CA ALA B 251 -14.59 18.13 9.30
C ALA B 251 -15.39 18.07 7.99
N ALA B 252 -15.87 16.86 7.72
CA ALA B 252 -16.61 16.52 6.52
C ALA B 252 -17.90 17.30 6.47
N VAL B 253 -18.68 17.27 7.53
CA VAL B 253 -19.96 17.96 7.46
C VAL B 253 -19.79 19.43 7.09
N GLU B 254 -18.90 20.15 7.76
CA GLU B 254 -18.64 21.55 7.42
C GLU B 254 -18.09 21.72 6.02
N GLU B 255 -17.21 20.82 5.59
CA GLU B 255 -16.78 20.93 4.21
C GLU B 255 -18.01 20.95 3.29
N TYR B 256 -18.95 20.05 3.55
CA TYR B 256 -20.12 19.92 2.72
C TYR B 256 -21.03 21.15 2.88
N ARG B 257 -21.39 21.47 4.11
CA ARG B 257 -22.24 22.63 4.35
C ARG B 257 -21.70 23.87 3.65
N ASN B 258 -20.48 24.30 3.99
CA ASN B 258 -19.94 25.57 3.46
C ASN B 258 -19.64 25.53 1.95
N LYS B 259 -19.31 24.37 1.40
CA LYS B 259 -18.86 24.29 0.01
C LYS B 259 -19.81 23.66 -1.02
N PHE B 260 -20.55 22.65 -0.62
CA PHE B 260 -21.36 21.93 -1.60
C PHE B 260 -22.87 21.94 -1.44
N GLN B 261 -23.37 21.95 -0.20
CA GLN B 261 -24.83 21.92 0.09
C GLN B 261 -25.69 22.86 -0.70
N LYS B 262 -25.38 24.14 -0.67
CA LYS B 262 -26.15 25.09 -1.44
C LYS B 262 -26.20 24.70 -2.96
N CYS B 263 -25.09 24.19 -3.49
CA CYS B 263 -24.96 23.82 -4.91
C CYS B 263 -25.70 22.55 -5.30
N GLN B 264 -25.37 21.47 -4.58
CA GLN B 264 -25.80 20.14 -4.94
C GLN B 264 -27.10 19.78 -4.26
N GLU B 265 -27.51 20.62 -3.31
CA GLU B 265 -28.83 20.49 -2.69
C GLU B 265 -29.07 19.15 -2.04
N GLY B 266 -28.05 18.64 -1.36
CA GLY B 266 -28.17 17.34 -0.73
C GLY B 266 -28.12 17.52 0.77
N GLU B 267 -27.99 16.39 1.48
CA GLU B 267 -28.03 16.34 2.93
C GLU B 267 -26.97 15.34 3.43
N ILE B 268 -26.13 15.77 4.37
CA ILE B 268 -25.09 14.90 4.92
C ILE B 268 -25.39 14.56 6.34
N GLY B 269 -25.12 13.32 6.74
CA GLY B 269 -25.42 12.87 8.09
C GLY B 269 -24.49 11.75 8.53
N ILE B 270 -24.87 11.10 9.65
CA ILE B 270 -24.08 10.00 10.18
C ILE B 270 -24.98 8.80 10.47
N VAL B 271 -24.45 7.60 10.37
CA VAL B 271 -25.28 6.44 10.68
C VAL B 271 -24.84 5.72 11.93
N LEU B 272 -25.65 5.78 12.99
CA LEU B 272 -25.31 5.03 14.20
C LEU B 272 -26.07 3.72 14.32
N ASN B 273 -25.71 2.94 15.32
CA ASN B 273 -26.21 1.60 15.46
C ASN B 273 -26.44 1.42 16.91
N SER B 274 -27.49 0.67 17.24
CA SER B 274 -27.75 0.32 18.62
C SER B 274 -28.66 -0.91 18.70
N MET B 275 -28.55 -1.59 19.84
CA MET B 275 -29.55 -2.56 20.25
C MET B 275 -30.50 -1.73 21.09
N TRP B 276 -31.73 -2.21 21.28
CA TRP B 276 -32.54 -1.55 22.29
C TRP B 276 -32.13 -2.16 23.62
N MET B 277 -32.16 -1.36 24.68
CA MET B 277 -31.75 -1.82 26.01
C MET B 277 -32.96 -1.83 26.95
N GLU B 278 -33.51 -3.02 27.20
CA GLU B 278 -34.67 -3.16 28.09
C GLU B 278 -34.27 -3.43 29.56
N PRO B 279 -34.88 -2.71 30.49
CA PRO B 279 -34.71 -3.06 31.88
C PRO B 279 -35.19 -4.49 32.20
N LEU B 280 -34.32 -5.26 32.83
CA LEU B 280 -34.62 -6.63 33.23
C LEU B 280 -35.75 -6.67 34.27
N SER B 281 -35.52 -6.06 35.44
CA SER B 281 -36.62 -5.82 36.40
C SER B 281 -37.07 -4.38 36.18
N ASP B 282 -38.02 -3.93 37.00
CA ASP B 282 -38.41 -2.51 37.02
C ASP B 282 -38.04 -1.86 38.36
N VAL B 283 -36.85 -2.19 38.86
CA VAL B 283 -36.22 -1.49 39.97
C VAL B 283 -35.47 -0.28 39.35
N GLN B 284 -35.00 0.65 40.21
CA GLN B 284 -34.01 1.64 39.75
C GLN B 284 -32.78 0.76 39.46
N ALA B 285 -31.58 1.22 39.15
CA ALA B 285 -30.49 0.24 38.88
C ALA B 285 -30.59 -0.39 37.51
N ASP B 286 -31.74 -1.00 37.17
CA ASP B 286 -31.93 -1.53 35.80
C ASP B 286 -32.28 -0.36 34.87
N ILE B 287 -32.97 0.63 35.39
CA ILE B 287 -33.31 1.80 34.59
C ILE B 287 -32.06 2.64 34.36
N ASP B 288 -31.22 2.76 35.40
CA ASP B 288 -29.89 3.40 35.26
C ASP B 288 -29.06 2.63 34.25
N ALA B 289 -29.16 1.29 34.29
CA ALA B 289 -28.37 0.41 33.43
C ALA B 289 -28.72 0.58 31.98
N GLN B 290 -29.98 0.89 31.72
CA GLN B 290 -30.42 1.16 30.37
C GLN B 290 -29.85 2.50 29.99
N LYS B 291 -30.03 3.50 30.85
CA LYS B 291 -29.51 4.82 30.59
C LYS B 291 -28.00 4.70 30.27
N ARG B 292 -27.26 3.91 31.04
CA ARG B 292 -25.82 3.76 30.80
C ARG B 292 -25.48 3.00 29.53
N ALA B 293 -26.23 1.94 29.27
CA ALA B 293 -25.99 1.10 28.11
C ALA B 293 -26.22 1.85 26.79
N LEU B 294 -27.18 2.77 26.84
CA LEU B 294 -27.52 3.60 25.69
C LEU B 294 -26.57 4.77 25.56
N ASP B 295 -26.27 5.41 26.70
CA ASP B 295 -25.19 6.42 26.79
C ASP B 295 -23.89 5.93 26.13
N PHE B 296 -23.40 4.77 26.54
CA PHE B 296 -22.14 4.20 26.04
C PHE B 296 -22.13 3.72 24.59
N MET B 297 -23.28 3.35 24.04
CA MET B 297 -23.29 2.80 22.69
C MET B 297 -23.79 3.81 21.64
N LEU B 298 -24.82 4.56 22.03
CA LEU B 298 -25.43 5.57 21.18
C LEU B 298 -24.99 6.96 21.61
N GLY B 299 -25.18 7.28 22.89
CA GLY B 299 -24.77 8.56 23.45
C GLY B 299 -23.32 8.91 23.19
N TRP B 300 -22.48 7.88 23.16
CA TRP B 300 -21.10 8.03 22.81
C TRP B 300 -20.97 9.01 21.67
N PHE B 301 -21.92 8.98 20.72
CA PHE B 301 -21.88 9.81 19.50
C PHE B 301 -22.92 10.91 19.46
N LEU B 302 -24.18 10.61 19.77
CA LEU B 302 -25.20 11.66 19.66
C LEU B 302 -24.96 12.78 20.64
N GLU B 303 -24.46 12.47 21.82
CA GLU B 303 -24.33 13.51 22.81
C GLU B 303 -23.42 14.59 22.27
N PRO B 304 -22.20 14.21 21.84
CA PRO B 304 -21.35 15.24 21.23
C PRO B 304 -22.08 16.01 20.14
N LEU B 305 -22.68 15.28 19.19
CA LEU B 305 -23.47 15.89 18.13
C LEU B 305 -24.67 16.74 18.65
N THR B 306 -24.98 16.65 19.95
CA THR B 306 -26.10 17.39 20.52
C THR B 306 -25.56 18.54 21.36
N THR B 307 -25.04 18.21 22.56
CA THR B 307 -24.55 19.21 23.53
C THR B 307 -23.07 19.57 23.40
N GLY B 308 -22.29 18.77 22.66
CA GLY B 308 -20.87 19.06 22.35
C GLY B 308 -19.93 18.50 23.41
N ASP B 309 -20.35 17.38 23.99
CA ASP B 309 -19.68 16.77 25.12
C ASP B 309 -20.25 15.36 25.17
N TYR B 310 -19.47 14.42 25.73
CA TYR B 310 -19.86 13.02 25.87
C TYR B 310 -20.87 12.94 27.01
N PRO B 311 -21.65 11.84 27.06
CA PRO B 311 -22.62 11.61 28.14
C PRO B 311 -22.03 11.74 29.56
N LYS B 312 -22.78 12.34 30.49
CA LYS B 312 -22.32 12.46 31.88
C LYS B 312 -21.82 11.11 32.35
N SER B 313 -22.59 10.05 32.10
CA SER B 313 -22.24 8.73 32.66
C SER B 313 -20.94 8.12 32.12
N MET B 314 -20.46 8.65 31.00
CA MET B 314 -19.20 8.20 30.46
C MET B 314 -18.11 9.01 31.09
N ARG B 315 -18.38 10.26 31.47
CA ARG B 315 -17.35 11.05 32.15
C ARG B 315 -17.16 10.45 33.54
N GLU B 316 -18.25 10.09 34.23
CA GLU B 316 -18.16 9.48 35.58
C GLU B 316 -17.17 8.33 35.56
N LEU B 317 -17.44 7.39 34.66
CA LEU B 317 -16.79 6.10 34.75
C LEU B 317 -15.39 6.05 34.12
N VAL B 318 -15.30 6.60 32.90
CA VAL B 318 -14.07 6.64 32.07
C VAL B 318 -13.02 7.69 32.49
N LYS B 319 -13.48 8.79 33.09
CA LYS B 319 -12.62 9.83 33.65
C LYS B 319 -11.58 10.36 32.65
N GLY B 320 -10.32 10.44 33.07
CA GLY B 320 -9.24 10.96 32.25
C GLY B 320 -8.85 10.06 31.09
N ARG B 321 -9.47 8.89 30.96
CA ARG B 321 -9.22 8.02 29.81
C ARG B 321 -10.11 8.39 28.62
N LEU B 322 -10.89 9.45 28.78
CA LEU B 322 -11.81 9.91 27.76
C LEU B 322 -11.37 11.31 27.30
N PRO B 323 -11.15 11.51 25.99
CA PRO B 323 -10.57 12.81 25.66
C PRO B 323 -11.57 13.95 25.74
N LYS B 324 -11.01 15.15 25.94
CA LYS B 324 -11.74 16.40 26.01
C LYS B 324 -11.80 17.04 24.62
N PHE B 325 -12.84 17.82 24.35
CA PHE B 325 -12.92 18.64 23.16
C PHE B 325 -12.52 20.03 23.54
N SER B 326 -11.83 20.71 22.65
CA SER B 326 -11.55 22.14 22.82
C SER B 326 -12.83 22.98 22.82
N ALA B 327 -12.77 24.18 23.41
CA ALA B 327 -13.92 25.06 23.50
C ALA B 327 -14.56 25.06 22.13
N ASP B 328 -13.77 25.42 21.11
CA ASP B 328 -14.25 25.55 19.73
C ASP B 328 -14.82 24.21 19.12
N ASP B 329 -14.26 23.06 19.48
CA ASP B 329 -14.78 21.76 18.96
C ASP B 329 -16.21 21.43 19.46
N SER B 330 -16.44 21.62 20.76
CA SER B 330 -17.75 21.42 21.39
C SER B 330 -18.80 22.12 20.57
N GLU B 331 -18.58 23.42 20.42
CA GLU B 331 -19.50 24.34 19.76
C GLU B 331 -19.89 23.84 18.38
N LYS B 332 -18.90 23.43 17.61
CA LYS B 332 -19.14 23.23 16.22
C LYS B 332 -19.70 21.84 16.01
N LEU B 333 -19.72 21.07 17.09
CA LEU B 333 -20.25 19.71 17.03
C LEU B 333 -21.73 19.67 17.22
N LYS B 334 -22.24 20.67 17.94
CA LYS B 334 -23.66 20.77 18.28
C LYS B 334 -24.48 20.79 17.02
N GLY B 335 -25.41 19.85 16.89
CA GLY B 335 -26.25 19.75 15.72
C GLY B 335 -25.47 19.66 14.43
N CYS B 336 -24.41 18.86 14.42
CA CYS B 336 -23.53 18.77 13.28
C CYS B 336 -23.90 17.58 12.45
N TYR B 337 -25.15 17.54 12.01
CA TYR B 337 -25.63 16.53 11.07
C TYR B 337 -26.93 17.05 10.51
N ASP B 338 -27.23 16.67 9.27
CA ASP B 338 -28.52 16.93 8.66
C ASP B 338 -29.47 15.78 8.91
N PHE B 339 -28.96 14.65 9.38
CA PHE B 339 -29.81 13.48 9.67
C PHE B 339 -29.08 12.37 10.46
N ILE B 340 -29.84 11.52 11.14
CA ILE B 340 -29.28 10.39 11.86
C ILE B 340 -29.82 9.07 11.26
N GLY B 341 -28.91 8.25 10.77
CA GLY B 341 -29.29 7.00 10.16
C GLY B 341 -29.10 5.98 11.24
N MET B 342 -30.03 5.03 11.38
CA MET B 342 -29.93 4.04 12.45
C MET B 342 -30.01 2.58 12.03
N ASN B 343 -29.06 1.79 12.50
CA ASN B 343 -29.08 0.37 12.23
C ASN B 343 -29.53 -0.37 13.45
N TYR B 344 -30.65 -1.08 13.30
CA TYR B 344 -31.26 -1.76 14.42
C TYR B 344 -31.30 -3.19 14.02
N TYR B 345 -30.96 -4.07 14.95
CA TYR B 345 -31.13 -5.50 14.72
C TYR B 345 -31.82 -6.24 15.82
N THR B 346 -31.70 -5.79 17.06
CA THR B 346 -32.21 -6.58 18.17
C THR B 346 -32.28 -5.79 19.50
N ALA B 347 -32.80 -6.45 20.54
CA ALA B 347 -32.92 -5.86 21.88
C ALA B 347 -32.40 -6.84 22.90
N THR B 348 -31.95 -6.32 24.03
CA THR B 348 -31.49 -7.16 25.11
C THR B 348 -31.94 -6.55 26.41
N TYR B 349 -32.11 -7.38 27.44
CA TYR B 349 -32.35 -6.88 28.79
C TYR B 349 -31.02 -6.40 29.37
N VAL B 350 -31.07 -5.44 30.28
CA VAL B 350 -29.87 -4.95 30.97
C VAL B 350 -30.04 -4.95 32.49
N THR B 351 -28.94 -4.93 33.22
CA THR B 351 -28.92 -4.83 34.69
C THR B 351 -27.53 -4.39 35.16
N ASN B 352 -27.43 -3.92 36.41
CA ASN B 352 -26.14 -3.53 37.00
C ASN B 352 -25.18 -4.74 37.01
N ALA B 353 -23.88 -4.53 36.74
CA ALA B 353 -22.92 -5.65 36.78
C ALA B 353 -22.26 -5.87 38.17
N VAL B 354 -21.26 -6.77 38.25
CA VAL B 354 -20.51 -6.96 39.51
C VAL B 354 -18.97 -6.96 39.31
N LYS B 360 -9.59 -6.31 34.57
CA LYS B 360 -8.92 -5.58 33.45
C LYS B 360 -9.75 -4.54 32.74
N LEU B 361 -9.25 -3.31 32.72
CA LEU B 361 -9.98 -2.18 32.20
C LEU B 361 -10.18 -2.35 30.70
N SER B 362 -11.40 -2.12 30.24
CA SER B 362 -11.74 -2.12 28.81
C SER B 362 -13.07 -1.43 28.59
N TYR B 363 -13.23 -0.87 27.39
CA TYR B 363 -14.48 -0.22 26.98
C TYR B 363 -15.61 -1.18 27.27
N GLU B 364 -15.39 -2.42 26.82
CA GLU B 364 -16.33 -3.52 26.94
C GLU B 364 -17.07 -3.49 28.26
N THR B 365 -16.31 -3.56 29.35
CA THR B 365 -16.84 -3.58 30.71
C THR B 365 -17.02 -2.22 31.39
N ASP B 366 -16.75 -1.11 30.69
CA ASP B 366 -16.80 0.21 31.31
C ASP B 366 -18.19 0.77 31.69
N ASP B 367 -19.21 0.63 30.81
CA ASP B 367 -20.64 0.80 31.17
C ASP B 367 -20.88 -0.30 32.20
N GLN B 368 -21.53 -0.10 33.32
CA GLN B 368 -21.41 -1.26 34.19
C GLN B 368 -22.61 -2.11 34.13
N VAL B 369 -22.81 -2.66 32.93
CA VAL B 369 -24.05 -3.32 32.59
C VAL B 369 -23.87 -4.72 32.04
N THR B 370 -24.41 -5.72 32.76
CA THR B 370 -24.57 -7.11 32.28
C THR B 370 -25.78 -7.18 31.36
N LYS B 371 -25.63 -7.76 30.19
CA LYS B 371 -26.73 -7.82 29.24
C LYS B 371 -27.15 -9.25 29.02
N THR B 372 -28.45 -9.48 28.89
CA THR B 372 -28.97 -10.86 28.75
C THR B 372 -30.18 -10.91 27.81
N PHE B 373 -30.29 -11.97 27.03
CA PHE B 373 -31.49 -12.14 26.23
C PHE B 373 -32.65 -12.73 27.00
N GLU B 374 -32.44 -13.16 28.25
CA GLU B 374 -33.44 -13.97 28.94
C GLU B 374 -33.97 -13.38 30.24
N ARG B 375 -35.29 -13.30 30.38
CA ARG B 375 -35.88 -12.68 31.55
C ARG B 375 -36.00 -13.73 32.65
N ASN B 376 -36.80 -14.75 32.41
CA ASN B 376 -36.84 -15.90 33.31
C ASN B 376 -36.68 -17.16 32.51
N GLN B 377 -35.56 -17.19 31.77
CA GLN B 377 -35.32 -18.17 30.73
C GLN B 377 -36.15 -17.87 29.45
N LYS B 378 -37.23 -17.10 29.59
CA LYS B 378 -37.97 -16.57 28.44
C LYS B 378 -37.06 -15.64 27.60
N PRO B 379 -36.79 -16.03 26.34
CA PRO B 379 -36.07 -15.08 25.49
C PRO B 379 -36.93 -13.86 25.15
N ILE B 380 -36.29 -12.71 24.99
CA ILE B 380 -36.89 -11.44 24.57
C ILE B 380 -37.59 -11.51 23.20
N GLY B 381 -37.09 -12.34 22.29
CA GLY B 381 -37.73 -12.57 20.99
C GLY B 381 -37.12 -13.83 20.37
N HIS B 382 -37.79 -14.41 19.37
CA HIS B 382 -37.27 -15.65 18.81
C HIS B 382 -35.81 -15.48 18.46
N ALA B 383 -34.99 -16.47 18.83
CA ALA B 383 -33.55 -16.43 18.58
C ALA B 383 -33.25 -16.91 17.17
N LEU B 384 -32.50 -16.11 16.41
CA LEU B 384 -32.09 -16.50 15.04
C LEU B 384 -30.74 -17.24 14.99
N TYR B 385 -30.27 -17.56 13.78
CA TYR B 385 -29.12 -18.44 13.61
C TYR B 385 -27.94 -18.17 14.55
N GLY B 386 -27.44 -16.95 14.60
CA GLY B 386 -26.24 -16.70 15.42
C GLY B 386 -26.27 -17.10 16.89
N GLY B 387 -27.41 -16.88 17.53
CA GLY B 387 -27.48 -16.96 18.97
C GLY B 387 -27.67 -15.55 19.50
N TRP B 388 -27.32 -14.58 18.65
CA TRP B 388 -27.29 -13.17 19.01
C TRP B 388 -28.53 -12.39 18.56
N GLN B 389 -28.82 -12.35 17.25
CA GLN B 389 -30.05 -11.68 16.81
C GLN B 389 -31.29 -12.41 17.34
N HIS B 390 -32.12 -11.63 18.05
CA HIS B 390 -33.43 -12.05 18.56
C HIS B 390 -34.46 -11.17 17.91
N VAL B 391 -35.52 -11.76 17.38
CA VAL B 391 -36.51 -10.95 16.69
C VAL B 391 -37.28 -10.12 17.71
N VAL B 392 -37.00 -8.81 17.74
CA VAL B 392 -37.69 -7.87 18.66
C VAL B 392 -38.17 -6.62 17.92
N PRO B 393 -39.29 -6.72 17.19
CA PRO B 393 -39.84 -5.61 16.41
C PRO B 393 -40.01 -4.35 17.21
N TRP B 394 -40.46 -4.49 18.45
CA TRP B 394 -40.85 -3.33 19.25
C TRP B 394 -39.66 -2.60 19.81
N GLY B 395 -38.47 -3.14 19.63
CA GLY B 395 -37.26 -2.49 20.14
C GLY B 395 -36.88 -1.33 19.25
N LEU B 396 -37.22 -1.46 17.97
CA LEU B 396 -36.94 -0.42 17.02
C LEU B 396 -37.89 0.71 17.36
N TYR B 397 -39.09 0.36 17.83
CA TYR B 397 -40.03 1.38 18.22
C TYR B 397 -39.38 2.14 19.36
N LYS B 398 -39.11 1.47 20.47
CA LYS B 398 -38.57 2.19 21.61
C LYS B 398 -37.25 2.93 21.28
N LEU B 399 -36.36 2.31 20.49
CA LEU B 399 -35.11 2.98 20.11
C LEU B 399 -35.34 4.27 19.31
N LEU B 400 -36.26 4.26 18.38
CA LEU B 400 -36.53 5.47 17.61
C LEU B 400 -37.14 6.54 18.51
N VAL B 401 -38.02 6.13 19.41
CA VAL B 401 -38.62 7.08 20.31
C VAL B 401 -37.53 7.66 21.19
N TYR B 402 -36.64 6.79 21.66
CA TYR B 402 -35.64 7.20 22.62
C TYR B 402 -34.77 8.30 22.02
N THR B 403 -34.36 8.10 20.77
CA THR B 403 -33.52 9.07 20.07
C THR B 403 -34.17 10.46 19.89
N LYS B 404 -35.39 10.50 19.34
CA LYS B 404 -36.12 11.79 19.25
C LYS B 404 -36.20 12.42 20.65
N GLU B 405 -36.76 11.72 21.62
CA GLU B 405 -36.96 12.24 22.97
C GLU B 405 -35.66 12.69 23.64
N THR B 406 -34.58 11.92 23.47
CA THR B 406 -33.35 12.16 24.24
C THR B 406 -32.38 13.12 23.54
N TYR B 407 -32.31 13.03 22.23
CA TYR B 407 -31.34 13.82 21.47
C TYR B 407 -31.97 14.81 20.49
N HIS B 408 -33.29 14.97 20.55
CA HIS B 408 -34.00 15.97 19.73
C HIS B 408 -33.63 15.99 18.26
N VAL B 409 -33.61 14.81 17.65
CA VAL B 409 -33.18 14.69 16.28
C VAL B 409 -34.31 15.07 15.31
N PRO B 410 -34.10 16.11 14.47
CA PRO B 410 -35.04 16.59 13.48
C PRO B 410 -35.40 15.57 12.42
N VAL B 411 -34.40 14.87 11.89
CA VAL B 411 -34.64 13.92 10.79
C VAL B 411 -34.02 12.59 11.14
N LEU B 412 -34.80 11.52 11.12
CA LEU B 412 -34.29 10.15 11.31
C LEU B 412 -34.59 9.25 10.12
N TYR B 413 -33.64 8.37 9.77
CA TYR B 413 -33.89 7.30 8.81
C TYR B 413 -33.47 5.96 9.42
N VAL B 414 -34.29 4.93 9.27
CA VAL B 414 -33.84 3.55 9.51
C VAL B 414 -32.93 3.11 8.33
N THR B 415 -31.62 3.27 8.51
CA THR B 415 -30.69 2.98 7.41
C THR B 415 -30.32 1.51 7.23
N GLU B 416 -30.63 0.68 8.21
CA GLU B 416 -30.31 -0.72 8.14
C GLU B 416 -31.26 -1.50 9.04
N SER B 417 -32.09 -2.34 8.43
CA SER B 417 -32.95 -3.24 9.18
C SER B 417 -33.07 -4.56 8.44
N GLY B 418 -32.98 -5.67 9.18
CA GLY B 418 -32.75 -6.97 8.53
C GLY B 418 -32.54 -8.18 9.43
N MET B 419 -32.63 -9.36 8.85
CA MET B 419 -32.46 -10.58 9.60
C MET B 419 -31.50 -11.56 8.98
N VAL B 420 -30.75 -12.21 9.85
CA VAL B 420 -29.74 -13.17 9.48
C VAL B 420 -30.31 -14.58 9.24
N GLU B 421 -29.62 -15.36 8.43
CA GLU B 421 -30.09 -16.66 8.00
C GLU B 421 -28.84 -17.47 7.82
N GLU B 422 -28.83 -18.67 8.39
CA GLU B 422 -27.74 -19.59 8.21
C GLU B 422 -27.55 -19.82 6.74
N ASN B 423 -26.28 -19.89 6.33
CA ASN B 423 -25.98 -20.26 4.95
C ASN B 423 -25.94 -21.73 4.85
N LYS B 424 -27.11 -22.35 4.66
CA LYS B 424 -27.19 -23.82 4.64
C LYS B 424 -26.73 -24.27 3.29
N THR B 425 -25.53 -24.86 3.21
CA THR B 425 -25.11 -25.50 1.97
C THR B 425 -25.99 -26.74 2.01
N LYS B 426 -26.01 -27.52 0.93
CA LYS B 426 -26.77 -28.80 1.04
C LYS B 426 -28.31 -28.69 0.93
N ILE B 427 -28.87 -27.50 0.76
CA ILE B 427 -30.24 -27.43 0.26
C ILE B 427 -30.39 -26.80 -1.17
N LEU B 428 -31.34 -27.28 -1.96
CA LEU B 428 -31.62 -26.73 -3.29
C LEU B 428 -31.98 -25.27 -3.10
N LEU B 429 -31.63 -24.44 -4.09
CA LEU B 429 -32.05 -23.05 -4.13
C LEU B 429 -33.59 -22.93 -4.01
N SER B 430 -34.32 -23.93 -4.46
CA SER B 430 -35.76 -23.91 -4.38
C SER B 430 -36.17 -23.66 -2.98
N GLU B 431 -35.53 -24.38 -2.06
CA GLU B 431 -35.86 -24.28 -0.64
C GLU B 431 -35.24 -23.02 -0.06
N ALA B 432 -33.92 -22.87 -0.19
CA ALA B 432 -33.23 -21.76 0.45
C ALA B 432 -33.85 -20.37 0.23
N ARG B 433 -34.69 -20.25 -0.82
CA ARG B 433 -35.18 -18.94 -1.29
C ARG B 433 -36.58 -18.58 -0.85
N ARG B 434 -37.24 -19.54 -0.17
CA ARG B 434 -38.54 -19.35 0.47
C ARG B 434 -38.28 -18.95 1.92
N ASP B 435 -37.64 -17.80 2.07
CA ASP B 435 -37.38 -17.19 3.35
C ASP B 435 -38.67 -16.53 3.86
N ALA B 436 -39.68 -17.37 4.09
CA ALA B 436 -40.94 -16.95 4.66
C ALA B 436 -40.70 -16.03 5.87
N GLU B 437 -39.79 -16.44 6.75
CA GLU B 437 -39.45 -15.72 8.00
C GLU B 437 -38.93 -14.28 7.79
N ARG B 438 -37.97 -14.14 6.87
CA ARG B 438 -37.44 -12.84 6.52
C ARG B 438 -38.53 -11.82 6.09
N THR B 439 -39.56 -12.29 5.41
CA THR B 439 -40.68 -11.43 4.97
C THR B 439 -41.43 -10.89 6.20
N ASP B 440 -41.99 -11.82 6.96
CA ASP B 440 -42.40 -11.57 8.33
C ASP B 440 -41.47 -10.66 9.14
N TYR B 441 -40.16 -10.93 9.20
CA TYR B 441 -39.28 -10.07 10.00
C TYR B 441 -39.45 -8.59 9.63
N HIS B 442 -39.42 -8.31 8.32
CA HIS B 442 -39.46 -6.95 7.83
C HIS B 442 -40.79 -6.30 8.02
N GLN B 443 -41.87 -7.06 7.89
CA GLN B 443 -43.18 -6.50 8.13
C GLN B 443 -43.25 -5.96 9.56
N LYS B 444 -43.27 -6.87 10.53
CA LYS B 444 -43.27 -6.47 11.93
C LYS B 444 -42.35 -5.27 12.20
N HIS B 445 -41.14 -5.30 11.66
CA HIS B 445 -40.30 -4.11 11.74
C HIS B 445 -40.87 -2.83 11.16
N LEU B 446 -41.33 -2.88 9.92
CA LEU B 446 -41.89 -1.69 9.32
C LEU B 446 -43.07 -1.19 10.13
N ALA B 447 -43.84 -2.13 10.69
CA ALA B 447 -45.02 -1.82 11.52
C ALA B 447 -44.59 -1.06 12.75
N SER B 448 -43.50 -1.49 13.36
CA SER B 448 -42.93 -0.72 14.46
C SER B 448 -42.46 0.66 14.02
N VAL B 449 -41.90 0.76 12.81
CA VAL B 449 -41.48 2.07 12.25
C VAL B 449 -42.68 3.00 12.05
N ARG B 450 -43.77 2.48 11.52
CA ARG B 450 -44.98 3.28 11.31
C ARG B 450 -45.49 3.82 12.63
N ASP B 451 -45.47 2.94 13.63
CA ASP B 451 -45.87 3.29 14.98
C ASP B 451 -44.97 4.35 15.61
N ALA B 452 -43.72 4.43 15.20
CA ALA B 452 -42.87 5.52 15.63
C ALA B 452 -43.30 6.80 14.94
N ILE B 453 -43.64 6.71 13.67
CA ILE B 453 -44.01 7.92 12.94
C ILE B 453 -45.32 8.47 13.49
N ASP B 454 -46.30 7.59 13.69
CA ASP B 454 -47.59 7.99 14.22
C ASP B 454 -47.49 8.65 15.58
N ASP B 455 -46.58 8.16 16.41
CA ASP B 455 -46.45 8.68 17.77
C ASP B 455 -45.46 9.83 17.83
N GLY B 456 -45.23 10.45 16.67
CA GLY B 456 -44.53 11.72 16.60
C GLY B 456 -43.24 11.76 15.82
N VAL B 457 -42.48 10.65 15.83
CA VAL B 457 -41.09 10.59 15.36
C VAL B 457 -40.92 10.80 13.86
N ASN B 458 -39.97 11.65 13.46
CA ASN B 458 -39.78 11.95 12.04
C ASN B 458 -38.82 11.01 11.28
N VAL B 459 -39.26 9.77 11.04
CA VAL B 459 -38.51 8.84 10.20
C VAL B 459 -38.90 8.97 8.73
N LYS B 460 -37.91 9.06 7.87
CA LYS B 460 -38.13 9.43 6.47
C LYS B 460 -37.84 8.28 5.52
N GLY B 461 -37.21 7.22 6.01
CA GLY B 461 -36.79 6.13 5.16
C GLY B 461 -36.53 4.82 5.87
N TYR B 462 -36.76 3.71 5.16
CA TYR B 462 -36.41 2.38 5.63
C TYR B 462 -35.52 1.73 4.58
N PHE B 463 -34.36 1.26 5.00
CA PHE B 463 -33.47 0.60 4.06
C PHE B 463 -33.19 -0.83 4.52
N VAL B 464 -33.81 -1.80 3.85
CA VAL B 464 -33.47 -3.21 4.05
C VAL B 464 -31.94 -3.42 4.01
N TRP B 465 -31.43 -4.23 4.92
CA TRP B 465 -30.09 -4.77 4.79
C TRP B 465 -30.22 -6.28 4.82
N SER B 466 -29.56 -6.97 3.89
CA SER B 466 -28.92 -6.33 2.73
C SER B 466 -29.67 -6.62 1.44
N PHE B 467 -29.45 -5.82 0.42
CA PHE B 467 -30.16 -6.09 -0.77
C PHE B 467 -29.76 -7.49 -1.17
N PHE B 468 -28.44 -7.66 -1.28
CA PHE B 468 -27.80 -8.87 -1.77
C PHE B 468 -27.18 -9.58 -0.63
N ASP B 469 -27.13 -10.91 -0.70
CA ASP B 469 -26.29 -11.68 0.23
C ASP B 469 -24.89 -11.18 -0.06
N ASN B 470 -24.13 -10.89 0.99
CA ASN B 470 -22.71 -10.54 0.78
C ASN B 470 -21.76 -11.08 1.82
N PHE B 471 -20.59 -10.47 1.88
CA PHE B 471 -19.55 -10.89 2.79
C PHE B 471 -19.82 -10.25 4.13
N GLU B 472 -19.87 -11.09 5.17
CA GLU B 472 -20.28 -10.76 6.56
C GLU B 472 -19.12 -10.68 7.60
N TRP B 473 -18.17 -9.81 7.28
CA TRP B 473 -16.98 -9.51 8.07
C TRP B 473 -16.28 -10.74 8.72
N ASN B 474 -16.20 -10.77 10.06
CA ASN B 474 -15.55 -11.91 10.74
C ASN B 474 -16.31 -13.22 10.63
N LEU B 475 -17.56 -13.17 10.17
CA LEU B 475 -18.32 -14.39 9.90
C LEU B 475 -18.23 -14.81 8.44
N GLY B 476 -17.60 -13.98 7.60
CA GLY B 476 -17.39 -14.30 6.20
C GLY B 476 -18.68 -14.74 5.54
N TYR B 477 -18.68 -15.94 4.99
CA TYR B 477 -19.83 -16.42 4.22
C TYR B 477 -20.72 -17.47 4.87
N ILE B 478 -20.57 -17.67 6.18
CA ILE B 478 -21.38 -18.68 6.88
C ILE B 478 -22.87 -18.26 7.04
N CYS B 479 -23.20 -17.00 6.77
CA CYS B 479 -24.60 -16.58 6.81
C CYS B 479 -25.07 -15.64 5.65
N ARG B 480 -26.33 -15.21 5.70
CA ARG B 480 -26.95 -14.41 4.64
C ARG B 480 -27.94 -13.38 5.21
N TYR B 481 -27.90 -12.14 4.72
CA TYR B 481 -28.88 -11.16 5.16
C TYR B 481 -29.88 -10.73 4.12
N GLY B 482 -29.57 -11.00 2.85
CA GLY B 482 -30.26 -10.33 1.76
C GLY B 482 -31.68 -10.73 1.38
N ILE B 483 -32.29 -9.88 0.57
CA ILE B 483 -33.51 -10.23 -0.07
C ILE B 483 -33.17 -10.83 -1.43
N ILE B 484 -31.93 -10.65 -1.87
CA ILE B 484 -31.49 -11.33 -3.10
C ILE B 484 -30.41 -12.37 -2.83
N HIS B 485 -30.72 -13.63 -3.08
CA HIS B 485 -29.77 -14.73 -2.88
C HIS B 485 -28.58 -14.57 -3.84
N VAL B 486 -27.38 -14.73 -3.32
CA VAL B 486 -26.22 -14.80 -4.23
C VAL B 486 -25.47 -16.09 -3.91
N ASP B 487 -25.08 -16.83 -4.94
CA ASP B 487 -24.28 -18.04 -4.75
C ASP B 487 -22.83 -17.62 -4.64
N TYR B 488 -22.26 -17.68 -3.43
CA TYR B 488 -20.93 -17.10 -3.16
C TYR B 488 -19.78 -17.59 -4.06
N LYS B 489 -20.01 -18.65 -4.82
CA LYS B 489 -18.99 -19.18 -5.71
C LYS B 489 -19.21 -18.62 -7.16
N SER B 490 -20.38 -18.85 -7.75
CA SER B 490 -20.64 -18.45 -9.12
C SER B 490 -21.14 -17.01 -9.25
N PHE B 491 -21.47 -16.40 -8.13
CA PHE B 491 -21.99 -15.02 -8.03
C PHE B 491 -23.38 -14.82 -8.65
N GLU B 492 -24.02 -15.91 -9.09
CA GLU B 492 -25.34 -15.85 -9.70
C GLU B 492 -26.30 -15.29 -8.69
N ARG B 493 -27.34 -14.61 -9.19
CA ARG B 493 -28.29 -13.90 -8.32
C ARG B 493 -29.71 -14.30 -8.60
N TYR B 494 -30.43 -14.76 -7.59
CA TYR B 494 -31.83 -15.10 -7.80
C TYR B 494 -32.57 -14.51 -6.66
N PRO B 495 -33.69 -13.79 -6.91
CA PRO B 495 -34.48 -13.17 -5.83
C PRO B 495 -35.09 -14.17 -4.82
N LYS B 496 -34.95 -13.89 -3.53
CA LYS B 496 -35.68 -14.65 -2.51
C LYS B 496 -37.16 -14.24 -2.52
N GLU B 497 -37.96 -14.84 -1.64
CA GLU B 497 -39.38 -14.46 -1.56
C GLU B 497 -39.61 -13.05 -1.00
N SER B 498 -38.87 -12.72 0.07
CA SER B 498 -38.83 -11.38 0.65
C SER B 498 -38.61 -10.29 -0.39
N ALA B 499 -37.70 -10.50 -1.32
CA ALA B 499 -37.54 -9.55 -2.41
C ALA B 499 -38.84 -9.35 -3.21
N ILE B 500 -39.55 -10.45 -3.47
CA ILE B 500 -40.79 -10.37 -4.24
C ILE B 500 -41.90 -9.74 -3.42
N TRP B 501 -41.85 -9.94 -2.10
CA TRP B 501 -42.76 -9.24 -1.20
C TRP B 501 -42.51 -7.73 -1.30
N TYR B 502 -41.31 -7.31 -0.98
CA TYR B 502 -40.95 -5.91 -0.93
C TYR B 502 -41.30 -5.23 -2.25
N LYS B 503 -41.22 -5.96 -3.35
CA LYS B 503 -41.56 -5.41 -4.67
C LYS B 503 -43.00 -4.93 -4.68
N ASN B 504 -43.85 -5.74 -4.08
CA ASN B 504 -45.29 -5.48 -3.97
C ASN B 504 -45.57 -4.42 -2.94
N PHE B 505 -44.94 -4.56 -1.79
CA PHE B 505 -45.06 -3.57 -0.76
C PHE B 505 -44.66 -2.16 -1.25
N ILE B 506 -43.50 -2.00 -1.85
CA ILE B 506 -43.10 -0.69 -2.36
C ILE B 506 -44.14 -0.08 -3.31
N ALA B 507 -44.98 -0.92 -3.92
CA ALA B 507 -45.80 -0.52 -5.04
C ALA B 507 -47.28 -0.31 -4.70
N GLY B 508 -47.60 -0.31 -3.42
CA GLY B 508 -49.01 -0.31 -2.99
C GLY B 508 -49.94 0.90 -3.19
N LYS B 509 -49.42 2.15 -3.05
CA LYS B 509 -50.35 3.36 -2.94
C LYS B 509 -51.35 3.60 -4.14
CAH LR1 C . 26.65 7.44 -8.29
CAF LR1 C . 26.95 8.27 -7.20
CAM LR1 C . 26.84 7.75 -5.90
BR LR1 C . 27.25 8.83 -4.37
CAG LR1 C . 26.43 6.43 -5.70
CAI LR1 C . 26.13 5.61 -6.76
CAN LR1 C . 26.24 6.12 -8.06
CAK LR1 C . 25.92 5.30 -9.13
NAL LR1 C . 24.60 4.65 -8.91
CAS LR1 C . 24.07 4.09 -10.16
CAQ LR1 C . 22.89 3.12 -9.91
OAD LR1 C . 23.29 1.76 -10.18
CAO LR1 C . 21.82 3.52 -10.91
OAB LR1 C . 20.59 3.26 -10.26
CAP LR1 C . 22.01 5.04 -11.02
OAC LR1 C . 21.45 5.61 -12.23
CAR LR1 C . 23.51 5.21 -11.06
CAJ LR1 C . 23.88 6.56 -10.49
OAA LR1 C . 23.82 7.48 -11.56
CAH LR1 D . -24.30 -6.59 14.14
CAF LR1 D . -23.81 -7.14 15.33
CAM LR1 D . -23.03 -6.37 16.23
BR LR1 D . -22.38 -7.11 17.90
CAG LR1 D . -22.75 -5.04 15.91
CAI LR1 D . -23.22 -4.48 14.72
CAN LR1 D . -23.98 -5.25 13.83
CAK LR1 D . -24.46 -4.68 12.65
NAL LR1 D . -23.51 -4.53 11.53
CAS LR1 D . -24.24 -4.16 10.31
CAQ LR1 D . -23.31 -3.39 9.33
OAD LR1 D . -23.86 -2.14 8.97
CAO LR1 D . -23.27 -4.24 8.08
OAB LR1 D . -22.05 -4.00 7.39
CAP LR1 D . -23.37 -5.63 8.70
OAC LR1 D . -23.64 -6.62 7.74
CAR LR1 D . -24.64 -5.38 9.49
CAJ LR1 D . -25.02 -6.58 10.38
OAA LR1 D . -24.12 -7.65 10.16
#